data_9G63
#
_entry.id   9G63
#
_cell.length_a   55.493
_cell.length_b   136.840
_cell.length_c   143.052
_cell.angle_alpha   90.00
_cell.angle_beta   90.00
_cell.angle_gamma   90.00
#
_symmetry.space_group_name_H-M   'P 21 21 21'
#
loop_
_entity.id
_entity.type
_entity.pdbx_description
1 polymer 'UDP-N-acetylglucosamine diphosphorylase'
2 polymer 'UDP-N-acetylglucosamine diphosphorylase'
3 non-polymer 2-acetamido-2-deoxy-1-O-phosphono-alpha-D-glucopyranose
4 non-polymer 4-bromanyl-2-methyl-pyrazol-3-amine
5 non-polymer furan-2-yl(piperazin-1-yl)methanone
6 non-polymer 'CHLORIDE ION'
7 water water
#
loop_
_entity_poly.entity_id
_entity_poly.type
_entity_poly.pdbx_seq_one_letter_code
_entity_poly.pdbx_strand_id
1 'polypeptide(L)'
;GPSAEEFQQLRKKYTDAGQGHVFAFVDELQTGERSQLFHQLSSFDPVRINELADKALNPPKADDGPASLEPLPDIATASI
LDSDPKDLEQWYEEGLKLVAGNKVAVVLMAGGQGTRLGSSAPKGCFDIGLPSHKSLFQIQAERIAKLQLLAQRISGKEAV
IPWYVMTSGPTRKPTEEFFEQHKYFGLNKSDVIIFEQGVLPCISNEGKILMESKFKVAVAPDGNGGIYQALLTSGVREDM
RKRGIEHIHTY(YCM)VDNCLVKVADPVFIGFAASKQVDIATKVVRKRNATESVGLILQKNGKPDVVEYSEIDKETAEAK
DPKQPDVLKFRAANIVNHYYSFKFFESIELWAHKLPHHVARKKIPCIKEGTGEFFKPEKPNGIKLEQFVFDVFPMTPLEK
FACIEVRREDEFSPLKNARGTGEDDPDTSKRDIMSQGQRWIEKAGGIVITEGDVVGVEVSPLISYGGEGLEFLKGREIKA
PAFIEKEE
;
B
2 'polypeptide(L)'
;GPSAEEFQQLRKKYTDAGQGHVFAFVDELQTGERSQLFHQLSSFDPVRINELADKALNPPKADDGPASLEPLPDIATASI
LDSDPKDLEQWYEEGLKLVAGNKVAVVLMAGGQGTRLGSSAPKGCFDIGLPSHKSLFQIQAERIAKLQLLAQRISGKEAV
IPWYVMTSGPTRKPTEEFFEQHKYFGLNKSDVIIFEQGVLPCISNEGKILMESKFKVAVAPDGNGGIYQALLTSGVREDM
RKRGIEHIHTYCVDNCLVKVADPVFIGFAASKQVDIATKVVRKRNATESVGLILQKNGKPDVVEYSEIDKETAEAKDPKQ
PDVLKFRAANIVNHYYSFKFFESIELWAHKLPHHVARKKIPCIKEGTGEFFKPEKPNGIKLEQFVFDVFPMTPLEKFACI
EVRREDEFSPLKNARGTGEDDPDTSKRDIMSQGQRWIEKAGGIVITEGDVVGVEVSPLISYGGEGLEFLKGREIKAPAFI
EKEE
;
A
#
loop_
_chem_comp.id
_chem_comp.type
_chem_comp.name
_chem_comp.formula
A1IHU non-polymer 4-bromanyl-2-methyl-pyrazol-3-amine 'C4 H6 Br N3'
A1IIR non-polymer furan-2-yl(piperazin-1-yl)methanone 'C9 H12 N2 O2'
CL non-polymer 'CHLORIDE ION' 'Cl -1'
GN1 D-saccharide 2-acetamido-2-deoxy-1-O-phosphono-alpha-D-glucopyranose 'C8 H16 N O9 P'
#
# COMPACT_ATOMS: atom_id res chain seq x y z
N PRO A 2 11.09 -13.94 20.34
CA PRO A 2 12.08 -14.94 19.90
C PRO A 2 13.17 -15.12 20.94
N SER A 3 13.39 -16.35 21.43
CA SER A 3 14.37 -16.61 22.48
C SER A 3 15.79 -16.64 21.90
N ALA A 4 16.78 -16.91 22.76
CA ALA A 4 18.14 -17.11 22.29
C ALA A 4 18.25 -18.48 21.64
N GLU A 5 17.59 -19.49 22.23
CA GLU A 5 17.72 -20.84 21.71
C GLU A 5 17.14 -20.87 20.30
N GLU A 6 15.96 -20.26 20.11
CA GLU A 6 15.27 -20.27 18.83
C GLU A 6 16.07 -19.51 17.76
N PHE A 7 16.55 -18.31 18.09
CA PHE A 7 17.35 -17.51 17.15
C PHE A 7 18.61 -18.29 16.80
N GLN A 8 19.16 -19.03 17.77
CA GLN A 8 20.43 -19.71 17.54
C GLN A 8 20.17 -20.94 16.69
N GLN A 9 19.07 -21.67 16.90
CA GLN A 9 18.78 -22.84 16.08
C GLN A 9 18.52 -22.48 14.61
N LEU A 10 17.94 -21.30 14.37
CA LEU A 10 17.67 -20.88 13.00
C LEU A 10 18.99 -20.46 12.36
N ARG A 11 19.80 -19.74 13.12
CA ARG A 11 21.12 -19.33 12.65
C ARG A 11 21.89 -20.53 12.13
N LYS A 12 21.84 -21.64 12.89
CA LYS A 12 22.56 -22.86 12.58
C LYS A 12 22.07 -23.46 11.27
N LYS A 13 20.73 -23.55 11.12
CA LYS A 13 20.13 -24.04 9.88
C LYS A 13 20.71 -23.25 8.71
N TYR A 14 20.68 -21.94 8.84
CA TYR A 14 21.12 -21.06 7.76
C TYR A 14 22.61 -21.23 7.51
N THR A 15 23.41 -21.29 8.60
CA THR A 15 24.86 -21.37 8.50
C THR A 15 25.30 -22.70 7.87
N ASP A 16 24.67 -23.79 8.30
CA ASP A 16 24.92 -25.12 7.77
C ASP A 16 24.56 -25.24 6.29
N ALA A 17 23.55 -24.47 5.88
CA ALA A 17 23.07 -24.42 4.51
C ALA A 17 23.94 -23.50 3.64
N GLY A 18 24.91 -22.79 4.22
CA GLY A 18 25.83 -21.99 3.43
C GLY A 18 25.24 -20.61 3.17
N GLN A 19 24.27 -20.23 4.02
CA GLN A 19 23.55 -18.98 3.88
C GLN A 19 23.70 -18.17 5.18
N GLY A 20 24.83 -18.35 5.88
CA GLY A 20 25.04 -17.77 7.20
C GLY A 20 25.13 -16.24 7.16
N HIS A 21 25.51 -15.70 6.00
CA HIS A 21 25.67 -14.27 5.78
C HIS A 21 24.37 -13.47 6.04
N VAL A 22 23.18 -14.06 5.93
CA VAL A 22 21.97 -13.29 6.24
C VAL A 22 21.97 -12.80 7.71
N PHE A 23 22.79 -13.43 8.57
CA PHE A 23 22.90 -13.05 9.96
C PHE A 23 24.10 -12.15 10.23
N ALA A 24 24.73 -11.59 9.20
CA ALA A 24 26.03 -10.97 9.39
C ALA A 24 25.93 -9.54 9.93
N PHE A 25 24.72 -9.01 10.12
CA PHE A 25 24.57 -7.65 10.60
C PHE A 25 23.71 -7.61 11.87
N VAL A 26 23.41 -8.78 12.44
CA VAL A 26 22.63 -8.89 13.66
C VAL A 26 23.27 -8.06 14.77
N ASP A 27 24.62 -8.10 14.83
CA ASP A 27 25.43 -7.20 15.65
C ASP A 27 24.70 -5.88 15.86
N GLU A 28 24.33 -5.18 14.78
CA GLU A 28 23.96 -3.77 14.84
C GLU A 28 22.47 -3.52 14.63
N LEU A 29 21.59 -4.41 15.12
CA LEU A 29 20.17 -4.35 14.82
C LEU A 29 19.37 -4.05 16.08
N GLN A 30 18.33 -3.19 15.92
CA GLN A 30 17.28 -2.97 16.90
C GLN A 30 16.55 -4.28 17.18
N THR A 31 15.87 -4.37 18.34
CA THR A 31 15.28 -5.61 18.81
C THR A 31 14.15 -6.08 17.87
N GLY A 32 13.52 -5.12 17.16
CA GLY A 32 12.41 -5.40 16.26
C GLY A 32 12.84 -5.62 14.82
N GLU A 33 13.98 -5.04 14.42
CA GLU A 33 14.64 -5.36 13.15
C GLU A 33 15.14 -6.81 13.18
N ARG A 34 15.47 -7.28 14.37
CA ARG A 34 15.97 -8.62 14.61
C ARG A 34 14.82 -9.61 14.42
N SER A 35 13.64 -9.23 14.91
CA SER A 35 12.47 -10.07 14.78
C SER A 35 11.95 -10.02 13.33
N GLN A 36 12.10 -8.90 12.65
CA GLN A 36 11.75 -8.88 11.24
C GLN A 36 12.56 -9.94 10.50
N LEU A 37 13.86 -9.95 10.74
CA LEU A 37 14.77 -10.92 10.13
C LEU A 37 14.40 -12.34 10.55
N PHE A 38 14.16 -12.59 11.84
CA PHE A 38 13.90 -13.95 12.30
C PHE A 38 12.61 -14.50 11.67
N HIS A 39 11.57 -13.67 11.66
CA HIS A 39 10.25 -14.13 11.24
C HIS A 39 10.30 -14.45 9.75
N GLN A 40 10.96 -13.59 8.96
CA GLN A 40 11.04 -13.79 7.52
C GLN A 40 11.92 -15.01 7.16
N LEU A 41 13.03 -15.24 7.89
CA LEU A 41 13.89 -16.39 7.66
C LEU A 41 13.22 -17.69 8.11
N SER A 42 12.42 -17.62 9.19
CA SER A 42 11.64 -18.78 9.64
C SER A 42 10.64 -19.28 8.61
N SER A 43 10.24 -18.43 7.64
CA SER A 43 9.27 -18.79 6.63
C SER A 43 9.92 -19.35 5.37
N PHE A 44 11.27 -19.43 5.32
CA PHE A 44 11.93 -20.13 4.22
C PHE A 44 12.75 -21.32 4.75
N ASP A 45 12.83 -22.39 3.95
CA ASP A 45 13.73 -23.49 4.22
C ASP A 45 14.97 -23.32 3.34
N PRO A 46 16.15 -22.97 3.92
CA PRO A 46 17.33 -22.66 3.10
C PRO A 46 17.86 -23.84 2.26
N VAL A 47 17.58 -25.07 2.70
CA VAL A 47 17.89 -26.28 1.96
C VAL A 47 17.06 -26.33 0.66
N ARG A 48 15.75 -26.02 0.71
CA ARG A 48 14.98 -25.99 -0.54
CA ARG A 48 14.93 -25.96 -0.51
C ARG A 48 15.43 -24.79 -1.36
N ILE A 49 15.86 -23.71 -0.70
CA ILE A 49 16.41 -22.57 -1.41
C ILE A 49 17.64 -23.01 -2.19
N ASN A 50 18.54 -23.77 -1.50
CA ASN A 50 19.75 -24.28 -2.13
C ASN A 50 19.40 -25.20 -3.29
N GLU A 51 18.34 -25.97 -3.13
CA GLU A 51 17.91 -26.89 -4.18
C GLU A 51 17.48 -26.10 -5.42
N LEU A 52 16.63 -25.08 -5.22
CA LEU A 52 16.16 -24.23 -6.32
C LEU A 52 17.33 -23.50 -6.96
N ALA A 53 18.17 -22.88 -6.10
CA ALA A 53 19.29 -22.12 -6.59
C ALA A 53 20.15 -23.01 -7.49
N ASP A 54 20.24 -24.29 -7.13
CA ASP A 54 21.11 -25.21 -7.82
C ASP A 54 20.55 -25.59 -9.19
N LYS A 55 19.26 -25.95 -9.29
CA LYS A 55 18.66 -26.30 -10.59
C LYS A 55 18.68 -25.09 -11.52
N ALA A 56 18.45 -23.90 -10.95
CA ALA A 56 18.47 -22.65 -11.69
C ALA A 56 19.86 -22.27 -12.23
N LEU A 57 20.92 -22.43 -11.44
CA LEU A 57 22.23 -21.90 -11.81
C LEU A 57 23.13 -22.98 -12.40
N ASN A 58 22.93 -24.23 -11.98
CA ASN A 58 23.70 -25.38 -12.45
C ASN A 58 22.74 -26.37 -13.10
N PRO A 59 21.96 -25.98 -14.15
CA PRO A 59 20.80 -26.75 -14.60
C PRO A 59 21.10 -27.93 -15.53
N PRO A 60 20.29 -29.02 -15.49
CA PRO A 60 20.46 -30.15 -16.41
C PRO A 60 19.90 -29.86 -17.81
N ALA A 67 12.91 -31.66 -28.09
CA ALA A 67 11.55 -32.20 -27.91
C ALA A 67 10.91 -32.49 -29.27
N SER A 68 10.12 -33.59 -29.35
CA SER A 68 9.09 -33.75 -30.36
C SER A 68 8.08 -32.60 -30.19
N LEU A 69 7.86 -31.83 -31.26
CA LEU A 69 7.30 -30.50 -31.20
C LEU A 69 6.52 -30.21 -32.49
N GLU A 70 5.18 -30.27 -32.39
CA GLU A 70 4.30 -30.09 -33.52
CA GLU A 70 4.21 -30.23 -33.47
C GLU A 70 3.14 -29.18 -33.13
N PRO A 71 2.38 -28.65 -34.09
CA PRO A 71 1.14 -27.95 -33.75
C PRO A 71 0.16 -28.87 -33.02
N LEU A 72 -0.77 -28.30 -32.24
CA LEU A 72 -1.80 -29.10 -31.59
C LEU A 72 -2.58 -29.83 -32.69
N PRO A 73 -2.99 -31.11 -32.47
CA PRO A 73 -3.78 -31.85 -33.45
C PRO A 73 -5.19 -31.24 -33.50
N ASP A 74 -5.91 -31.44 -34.61
CA ASP A 74 -7.17 -30.73 -34.78
C ASP A 74 -8.23 -31.20 -33.80
N ILE A 75 -8.09 -32.40 -33.24
CA ILE A 75 -9.02 -32.84 -32.21
C ILE A 75 -9.01 -31.90 -31.00
N ALA A 76 -7.88 -31.29 -30.67
CA ALA A 76 -7.80 -30.44 -29.49
C ALA A 76 -8.03 -28.96 -29.81
N THR A 77 -8.36 -28.61 -31.07
CA THR A 77 -8.40 -27.21 -31.48
C THR A 77 -9.74 -26.88 -32.14
N ALA A 78 -10.08 -25.59 -32.04
CA ALA A 78 -11.28 -25.02 -32.60
C ALA A 78 -10.96 -23.58 -32.99
N SER A 79 -11.88 -22.90 -33.67
CA SER A 79 -11.71 -21.50 -34.02
C SER A 79 -13.08 -20.87 -34.13
N ILE A 80 -13.26 -19.63 -33.66
CA ILE A 80 -14.52 -18.91 -33.89
C ILE A 80 -14.57 -18.32 -35.31
N LEU A 81 -13.40 -18.18 -35.97
CA LEU A 81 -13.30 -17.73 -37.36
C LEU A 81 -13.86 -18.74 -38.36
N ASP A 82 -13.96 -20.04 -38.01
CA ASP A 82 -14.58 -21.01 -38.91
C ASP A 82 -15.42 -22.06 -38.17
N SER A 83 -15.91 -21.76 -36.97
CA SER A 83 -16.87 -22.65 -36.35
C SER A 83 -18.23 -22.56 -37.02
N ASP A 84 -18.86 -23.73 -37.12
CA ASP A 84 -20.27 -23.81 -37.44
C ASP A 84 -20.97 -22.78 -36.57
N PRO A 85 -21.72 -21.85 -37.20
CA PRO A 85 -22.52 -20.88 -36.46
C PRO A 85 -23.54 -21.49 -35.51
N LYS A 86 -24.01 -22.70 -35.79
CA LYS A 86 -24.87 -23.42 -34.86
C LYS A 86 -24.10 -23.70 -33.56
N ASP A 87 -22.82 -24.07 -33.69
CA ASP A 87 -21.95 -24.31 -32.55
C ASP A 87 -21.72 -23.02 -31.75
N LEU A 88 -21.35 -21.93 -32.43
CA LEU A 88 -21.16 -20.63 -31.80
C LEU A 88 -22.37 -20.23 -30.96
N GLU A 89 -23.57 -20.38 -31.53
CA GLU A 89 -24.83 -20.03 -30.90
C GLU A 89 -25.06 -20.94 -29.69
N GLN A 90 -24.89 -22.24 -29.88
CA GLN A 90 -25.09 -23.17 -28.78
C GLN A 90 -24.12 -22.87 -27.64
N TRP A 91 -22.84 -22.60 -27.95
CA TRP A 91 -21.83 -22.29 -26.92
C TRP A 91 -22.15 -21.01 -26.17
N TYR A 92 -22.59 -19.98 -26.91
CA TYR A 92 -22.96 -18.71 -26.29
C TYR A 92 -24.05 -18.96 -25.26
N GLU A 93 -25.09 -19.68 -25.69
CA GLU A 93 -26.29 -19.93 -24.90
C GLU A 93 -25.93 -20.71 -23.65
N GLU A 94 -25.15 -21.78 -23.83
CA GLU A 94 -24.74 -22.60 -22.68
C GLU A 94 -23.87 -21.80 -21.71
N GLY A 95 -23.00 -20.91 -22.23
CA GLY A 95 -22.18 -20.09 -21.35
C GLY A 95 -23.02 -19.14 -20.52
N LEU A 96 -24.05 -18.53 -21.13
CA LEU A 96 -24.90 -17.59 -20.42
C LEU A 96 -25.75 -18.32 -19.38
N LYS A 97 -26.14 -19.56 -19.70
CA LYS A 97 -26.93 -20.38 -18.78
C LYS A 97 -26.08 -20.73 -17.55
N LEU A 98 -24.79 -21.03 -17.78
CA LEU A 98 -23.90 -21.33 -16.67
C LEU A 98 -23.65 -20.08 -15.84
N VAL A 99 -23.51 -18.90 -16.48
CA VAL A 99 -23.46 -17.66 -15.73
C VAL A 99 -24.74 -17.45 -14.91
N ALA A 100 -25.91 -17.68 -15.53
CA ALA A 100 -27.21 -17.45 -14.87
C ALA A 100 -27.45 -18.47 -13.74
N GLY A 101 -26.78 -19.62 -13.78
CA GLY A 101 -26.82 -20.60 -12.71
C GLY A 101 -25.85 -20.33 -11.56
N ASN A 102 -25.12 -19.18 -11.61
CA ASN A 102 -24.13 -18.82 -10.60
C ASN A 102 -23.00 -19.84 -10.48
N LYS A 103 -22.55 -20.41 -11.61
CA LYS A 103 -21.55 -21.47 -11.58
C LYS A 103 -20.19 -20.99 -12.12
N VAL A 104 -20.13 -19.72 -12.53
CA VAL A 104 -18.97 -19.17 -13.22
C VAL A 104 -18.24 -18.19 -12.30
N ALA A 105 -16.91 -18.39 -12.13
CA ALA A 105 -16.06 -17.46 -11.39
C ALA A 105 -14.99 -16.92 -12.32
N VAL A 106 -14.43 -15.78 -11.91
CA VAL A 106 -13.36 -15.15 -12.66
C VAL A 106 -12.16 -15.00 -11.75
N VAL A 107 -10.97 -15.40 -12.22
CA VAL A 107 -9.74 -15.07 -11.52
C VAL A 107 -8.92 -14.11 -12.39
N LEU A 108 -8.76 -12.88 -11.87
CA LEU A 108 -7.96 -11.84 -12.50
C LEU A 108 -6.53 -11.97 -11.99
N MET A 109 -5.57 -12.18 -12.91
CA MET A 109 -4.15 -12.15 -12.53
C MET A 109 -3.61 -10.73 -12.69
N ALA A 110 -3.36 -10.10 -11.53
CA ALA A 110 -2.95 -8.70 -11.39
C ALA A 110 -1.81 -8.59 -10.37
N GLY A 111 -0.86 -9.54 -10.46
CA GLY A 111 0.28 -9.63 -9.56
C GLY A 111 1.54 -8.98 -10.13
N GLY A 112 1.41 -8.32 -11.30
CA GLY A 112 2.54 -7.70 -11.99
C GLY A 112 2.90 -6.31 -11.48
N GLN A 113 4.21 -6.08 -11.40
CA GLN A 113 4.79 -4.78 -11.04
C GLN A 113 4.68 -3.88 -12.27
N GLY A 114 4.76 -4.49 -13.47
CA GLY A 114 4.61 -3.79 -14.73
C GLY A 114 5.87 -2.99 -15.07
N THR A 115 6.97 -3.73 -15.23
CA THR A 115 8.29 -3.11 -15.19
C THR A 115 8.56 -2.39 -16.52
N ARG A 116 8.06 -2.92 -17.65
CA ARG A 116 8.25 -2.27 -18.95
C ARG A 116 7.41 -1.00 -19.09
N LEU A 117 6.39 -0.87 -18.21
CA LEU A 117 5.44 0.25 -18.25
C LEU A 117 5.89 1.35 -17.30
N GLY A 118 6.75 0.99 -16.32
CA GLY A 118 7.22 1.88 -15.26
C GLY A 118 6.15 2.87 -14.81
N SER A 119 5.07 2.35 -14.22
CA SER A 119 4.04 3.15 -13.60
C SER A 119 4.21 3.01 -12.10
N SER A 120 3.80 4.02 -11.31
CA SER A 120 3.93 3.98 -9.86
C SER A 120 2.85 3.09 -9.22
N ALA A 121 1.73 2.90 -9.92
CA ALA A 121 0.54 2.21 -9.43
C ALA A 121 0.39 0.82 -10.08
N PRO A 122 -0.45 -0.09 -9.54
CA PRO A 122 -0.77 -1.34 -10.25
C PRO A 122 -1.24 -1.06 -11.68
N LYS A 123 -0.85 -1.94 -12.61
CA LYS A 123 -1.18 -1.83 -14.02
C LYS A 123 -2.69 -1.69 -14.29
N GLY A 124 -3.55 -2.38 -13.51
CA GLY A 124 -5.00 -2.29 -13.67
C GLY A 124 -5.60 -0.92 -13.36
N CYS A 125 -4.88 -0.10 -12.57
CA CYS A 125 -5.26 1.28 -12.27
C CYS A 125 -5.00 2.18 -13.46
N PHE A 126 -4.26 1.72 -14.45
CA PHE A 126 -3.76 2.62 -15.47
C PHE A 126 -4.91 3.13 -16.35
N ASP A 127 -4.90 4.43 -16.62
CA ASP A 127 -5.86 5.10 -17.50
C ASP A 127 -5.21 5.28 -18.86
N ILE A 128 -5.76 4.63 -19.90
CA ILE A 128 -5.12 4.59 -21.20
C ILE A 128 -5.50 5.78 -22.09
N GLY A 129 -6.28 6.73 -21.54
CA GLY A 129 -6.54 7.97 -22.23
C GLY A 129 -7.89 7.97 -22.94
N LEU A 130 -8.75 7.00 -22.60
CA LEU A 130 -10.11 6.97 -23.11
C LEU A 130 -10.84 8.24 -22.64
N PRO A 131 -11.84 8.73 -23.41
CA PRO A 131 -12.68 9.86 -22.99
C PRO A 131 -13.32 9.67 -21.61
N SER A 132 -13.66 8.42 -21.23
CA SER A 132 -14.18 8.13 -19.90
C SER A 132 -13.11 8.20 -18.81
N HIS A 133 -11.84 8.03 -19.17
CA HIS A 133 -10.71 7.95 -18.25
C HIS A 133 -10.86 6.74 -17.32
N LYS A 134 -11.59 5.71 -17.72
CA LYS A 134 -11.67 4.51 -16.90
C LYS A 134 -10.36 3.69 -16.97
N SER A 135 -10.00 3.16 -15.79
CA SER A 135 -8.95 2.17 -15.55
C SER A 135 -9.27 0.87 -16.25
N LEU A 136 -8.26 0.00 -16.41
CA LEU A 136 -8.46 -1.34 -16.91
C LEU A 136 -9.34 -2.15 -15.95
N PHE A 137 -9.16 -1.99 -14.65
CA PHE A 137 -9.95 -2.68 -13.63
C PHE A 137 -11.42 -2.35 -13.84
N GLN A 138 -11.75 -1.06 -13.97
CA GLN A 138 -13.14 -0.63 -14.06
C GLN A 138 -13.79 -1.20 -15.33
N ILE A 139 -13.08 -1.10 -16.46
CA ILE A 139 -13.58 -1.62 -17.72
C ILE A 139 -13.95 -3.09 -17.53
N GLN A 140 -13.07 -3.81 -16.82
CA GLN A 140 -13.26 -5.24 -16.60
C GLN A 140 -14.46 -5.50 -15.67
N ALA A 141 -14.55 -4.75 -14.56
CA ALA A 141 -15.69 -4.87 -13.65
C ALA A 141 -17.00 -4.67 -14.41
N GLU A 142 -17.02 -3.71 -15.33
CA GLU A 142 -18.27 -3.35 -15.97
C GLU A 142 -18.71 -4.43 -16.95
N ARG A 143 -17.74 -5.14 -17.58
CA ARG A 143 -18.03 -6.32 -18.38
C ARG A 143 -18.66 -7.39 -17.51
N ILE A 144 -18.17 -7.55 -16.28
CA ILE A 144 -18.78 -8.51 -15.38
C ILE A 144 -20.22 -8.07 -15.08
N ALA A 145 -20.39 -6.78 -14.78
CA ALA A 145 -21.72 -6.27 -14.44
C ALA A 145 -22.68 -6.50 -15.61
N LYS A 146 -22.20 -6.19 -16.81
CA LYS A 146 -23.04 -6.26 -18.00
C LYS A 146 -23.39 -7.70 -18.32
N LEU A 147 -22.45 -8.62 -18.15
CA LEU A 147 -22.71 -10.02 -18.44
C LEU A 147 -23.68 -10.60 -17.40
N GLN A 148 -23.61 -10.18 -16.14
CA GLN A 148 -24.58 -10.60 -15.13
C GLN A 148 -26.01 -10.17 -15.51
N LEU A 149 -26.14 -8.97 -16.08
CA LEU A 149 -27.41 -8.44 -16.60
C LEU A 149 -27.90 -9.24 -17.81
N LEU A 150 -27.02 -9.51 -18.80
CA LEU A 150 -27.40 -10.34 -19.95
C LEU A 150 -27.87 -11.73 -19.51
N ALA A 151 -27.17 -12.32 -18.54
CA ALA A 151 -27.56 -13.61 -17.95
C ALA A 151 -28.99 -13.57 -17.35
N GLN A 152 -29.33 -12.55 -16.57
CA GLN A 152 -30.65 -12.38 -15.96
C GLN A 152 -31.77 -12.34 -17.01
N ARG A 153 -31.50 -11.72 -18.17
CA ARG A 153 -32.45 -11.61 -19.27
C ARG A 153 -32.94 -12.98 -19.76
N ILE A 154 -32.29 -14.08 -19.38
CA ILE A 154 -32.75 -15.40 -19.76
C ILE A 154 -32.89 -16.28 -18.50
N SER A 155 -32.95 -15.68 -17.31
CA SER A 155 -33.32 -16.43 -16.12
C SER A 155 -34.41 -15.73 -15.31
N GLY A 156 -34.59 -14.42 -15.50
CA GLY A 156 -35.37 -13.59 -14.58
C GLY A 156 -34.91 -13.66 -13.13
N LYS A 157 -33.66 -14.06 -12.89
CA LYS A 157 -33.10 -14.03 -11.55
C LYS A 157 -31.70 -13.44 -11.60
N GLU A 158 -31.27 -12.99 -10.42
CA GLU A 158 -29.93 -12.47 -10.22
C GLU A 158 -28.87 -13.48 -10.68
N ALA A 159 -27.78 -12.94 -11.26
CA ALA A 159 -26.63 -13.72 -11.69
C ALA A 159 -25.38 -13.12 -11.05
N VAL A 160 -24.58 -13.98 -10.41
CA VAL A 160 -23.39 -13.53 -9.71
C VAL A 160 -22.18 -14.21 -10.36
N ILE A 161 -21.20 -13.41 -10.75
CA ILE A 161 -19.89 -13.93 -11.14
C ILE A 161 -18.90 -13.46 -10.08
N PRO A 162 -18.46 -14.25 -9.07
CA PRO A 162 -17.48 -13.74 -8.12
C PRO A 162 -16.19 -13.41 -8.87
N TRP A 163 -15.54 -12.33 -8.39
CA TRP A 163 -14.32 -11.80 -8.95
C TRP A 163 -13.19 -11.92 -7.91
N TYR A 164 -12.29 -12.87 -8.17
CA TYR A 164 -11.10 -13.14 -7.37
C TYR A 164 -9.91 -12.46 -8.03
N VAL A 165 -9.37 -11.43 -7.35
CA VAL A 165 -8.34 -10.59 -7.89
C VAL A 165 -7.01 -10.96 -7.22
N MET A 166 -6.10 -11.56 -8.00
CA MET A 166 -4.82 -11.98 -7.46
C MET A 166 -3.79 -10.87 -7.63
N THR A 167 -3.27 -10.39 -6.49
CA THR A 167 -2.23 -9.38 -6.46
C THR A 167 -0.92 -9.95 -5.91
N SER A 168 0.13 -9.11 -5.88
CA SER A 168 1.36 -9.41 -5.18
C SER A 168 1.51 -8.51 -3.97
N GLY A 169 2.47 -8.82 -3.08
CA GLY A 169 2.95 -7.91 -2.05
C GLY A 169 3.01 -6.46 -2.53
N PRO A 170 3.81 -6.16 -3.57
CA PRO A 170 3.79 -4.83 -4.19
C PRO A 170 2.44 -4.20 -4.61
N THR A 171 1.48 -4.96 -5.18
CA THR A 171 0.27 -4.36 -5.73
C THR A 171 -0.91 -4.46 -4.74
N ARG A 172 -0.84 -5.26 -3.68
CA ARG A 172 -2.05 -5.62 -2.96
C ARG A 172 -2.74 -4.39 -2.36
N LYS A 173 -2.00 -3.65 -1.52
CA LYS A 173 -2.52 -2.49 -0.82
C LYS A 173 -3.07 -1.44 -1.80
N PRO A 174 -2.31 -0.90 -2.77
CA PRO A 174 -2.88 0.05 -3.72
C PRO A 174 -4.08 -0.51 -4.50
N THR A 175 -4.09 -1.80 -4.81
CA THR A 175 -5.22 -2.39 -5.52
C THR A 175 -6.49 -2.30 -4.67
N GLU A 176 -6.40 -2.69 -3.38
CA GLU A 176 -7.52 -2.70 -2.44
C GLU A 176 -8.03 -1.28 -2.21
N GLU A 177 -7.12 -0.31 -2.10
CA GLU A 177 -7.51 1.09 -1.90
C GLU A 177 -8.30 1.59 -3.11
N PHE A 178 -7.79 1.28 -4.31
CA PHE A 178 -8.41 1.70 -5.56
C PHE A 178 -9.84 1.13 -5.68
N PHE A 179 -10.00 -0.18 -5.46
CA PHE A 179 -11.30 -0.81 -5.52
C PHE A 179 -12.25 -0.14 -4.53
N GLU A 180 -11.78 0.15 -3.31
CA GLU A 180 -12.60 0.76 -2.27
C GLU A 180 -12.99 2.21 -2.61
N GLN A 181 -12.05 2.97 -3.17
CA GLN A 181 -12.29 4.34 -3.56
C GLN A 181 -13.31 4.43 -4.71
N HIS A 182 -13.42 3.39 -5.56
CA HIS A 182 -14.42 3.38 -6.62
C HIS A 182 -15.65 2.56 -6.25
N LYS A 183 -15.80 2.20 -4.98
CA LYS A 183 -16.95 1.43 -4.50
C LYS A 183 -17.12 0.16 -5.34
N TYR A 184 -16.01 -0.49 -5.65
CA TYR A 184 -16.00 -1.79 -6.31
C TYR A 184 -16.63 -1.69 -7.70
N PHE A 185 -16.58 -0.48 -8.30
CA PHE A 185 -17.03 -0.22 -9.67
C PHE A 185 -18.51 -0.53 -9.86
N GLY A 186 -19.30 -0.54 -8.77
CA GLY A 186 -20.71 -0.86 -8.81
C GLY A 186 -21.03 -2.33 -8.54
N LEU A 187 -20.02 -3.19 -8.42
CA LEU A 187 -20.27 -4.59 -8.02
C LEU A 187 -20.48 -4.60 -6.50
N ASN A 188 -20.96 -5.72 -5.98
CA ASN A 188 -21.05 -5.92 -4.54
C ASN A 188 -19.67 -6.31 -4.00
N LYS A 189 -19.22 -5.56 -2.97
CA LYS A 189 -17.96 -5.82 -2.29
C LYS A 189 -17.87 -7.30 -1.90
N SER A 190 -19.00 -7.89 -1.51
CA SER A 190 -18.97 -9.25 -1.00
C SER A 190 -18.85 -10.27 -2.15
N ASP A 191 -18.90 -9.85 -3.41
CA ASP A 191 -18.64 -10.76 -4.52
C ASP A 191 -17.29 -10.47 -5.17
N VAL A 192 -16.45 -9.63 -4.53
CA VAL A 192 -15.08 -9.36 -4.95
C VAL A 192 -14.11 -9.67 -3.79
N ILE A 193 -13.21 -10.64 -4.05
CA ILE A 193 -12.14 -11.02 -3.13
C ILE A 193 -10.81 -10.65 -3.77
N ILE A 194 -10.02 -9.86 -3.03
CA ILE A 194 -8.65 -9.53 -3.38
C ILE A 194 -7.75 -10.40 -2.51
N PHE A 195 -6.89 -11.17 -3.19
CA PHE A 195 -5.99 -12.06 -2.50
C PHE A 195 -4.61 -11.81 -3.10
N GLU A 196 -3.62 -12.58 -2.61
CA GLU A 196 -2.22 -12.33 -2.87
C GLU A 196 -1.53 -13.64 -3.25
N GLN A 197 -0.65 -13.56 -4.26
CA GLN A 197 0.27 -14.64 -4.56
C GLN A 197 1.46 -14.65 -3.58
N GLY A 198 2.22 -15.75 -3.60
CA GLY A 198 3.39 -15.95 -2.74
C GLY A 198 4.66 -15.30 -3.27
N VAL A 199 5.76 -15.52 -2.55
CA VAL A 199 7.06 -14.96 -2.91
C VAL A 199 8.11 -16.07 -2.90
N LEU A 200 9.22 -15.82 -3.60
CA LEU A 200 10.45 -16.56 -3.41
C LEU A 200 11.60 -15.56 -3.20
N PRO A 201 12.65 -15.92 -2.41
CA PRO A 201 13.84 -15.07 -2.27
C PRO A 201 14.60 -14.98 -3.58
N CYS A 202 15.19 -13.80 -3.80
CA CYS A 202 16.04 -13.56 -4.96
C CYS A 202 17.43 -14.10 -4.65
N ILE A 203 18.12 -14.59 -5.69
CA ILE A 203 19.31 -15.41 -5.53
C ILE A 203 20.47 -14.74 -6.27
N SER A 204 21.62 -14.63 -5.60
CA SER A 204 22.84 -14.14 -6.24
C SER A 204 23.24 -15.12 -7.34
N ASN A 205 24.11 -14.67 -8.24
CA ASN A 205 24.72 -15.53 -9.23
C ASN A 205 25.50 -16.69 -8.59
N GLU A 206 25.78 -16.60 -7.30
CA GLU A 206 26.66 -17.58 -6.68
C GLU A 206 25.83 -18.47 -5.76
N GLY A 207 24.51 -18.32 -5.80
CA GLY A 207 23.65 -19.18 -5.00
C GLY A 207 23.26 -18.58 -3.65
N LYS A 208 23.51 -17.29 -3.41
CA LYS A 208 23.32 -16.76 -2.07
C LYS A 208 22.06 -15.90 -2.01
N ILE A 209 21.30 -16.07 -0.94
CA ILE A 209 20.12 -15.26 -0.66
C ILE A 209 20.56 -13.81 -0.64
N LEU A 210 19.97 -12.97 -1.51
CA LEU A 210 20.23 -11.53 -1.54
C LEU A 210 19.47 -10.86 -0.39
N MET A 211 20.09 -9.85 0.22
CA MET A 211 19.54 -9.13 1.35
C MET A 211 19.18 -7.72 0.90
N GLU A 212 17.96 -7.28 1.18
CA GLU A 212 17.53 -5.98 0.71
C GLU A 212 18.03 -4.92 1.69
N SER A 213 17.87 -5.20 2.98
CA SER A 213 18.50 -4.44 4.02
C SER A 213 19.22 -5.43 4.95
N LYS A 214 19.78 -4.92 6.03
CA LYS A 214 20.56 -5.71 6.97
C LYS A 214 19.64 -6.59 7.82
N PHE A 215 18.32 -6.26 7.79
CA PHE A 215 17.31 -7.01 8.53
C PHE A 215 16.28 -7.67 7.58
N LYS A 216 16.44 -7.55 6.24
CA LYS A 216 15.42 -8.01 5.30
C LYS A 216 16.01 -8.77 4.09
N VAL A 217 15.49 -9.99 3.87
CA VAL A 217 15.79 -10.76 2.66
C VAL A 217 15.07 -10.11 1.49
N ALA A 218 15.73 -10.07 0.33
CA ALA A 218 15.12 -9.69 -0.93
C ALA A 218 14.25 -10.84 -1.49
N VAL A 219 12.94 -10.58 -1.64
CA VAL A 219 11.98 -11.52 -2.21
C VAL A 219 11.27 -10.91 -3.43
N ALA A 220 10.74 -11.78 -4.30
CA ALA A 220 9.95 -11.36 -5.46
C ALA A 220 8.73 -12.27 -5.60
N PRO A 221 7.62 -11.80 -6.24
CA PRO A 221 6.44 -12.65 -6.47
C PRO A 221 6.84 -13.93 -7.21
N ASP A 222 6.15 -15.03 -6.94
CA ASP A 222 6.53 -16.36 -7.41
C ASP A 222 5.98 -16.67 -8.82
N GLY A 223 5.55 -15.62 -9.56
CA GLY A 223 5.10 -15.78 -10.93
C GLY A 223 3.60 -16.04 -10.97
N ASN A 224 2.99 -15.95 -12.17
CA ASN A 224 1.54 -16.16 -12.30
C ASN A 224 1.19 -17.61 -12.04
N GLY A 225 2.16 -18.52 -12.20
CA GLY A 225 2.00 -19.90 -11.81
C GLY A 225 1.78 -20.06 -10.32
N GLY A 226 2.05 -19.00 -9.54
CA GLY A 226 1.78 -18.99 -8.12
C GLY A 226 0.30 -18.96 -7.78
N ILE A 227 -0.54 -18.68 -8.79
CA ILE A 227 -1.99 -18.71 -8.70
C ILE A 227 -2.48 -19.92 -7.90
N TYR A 228 -2.00 -21.13 -8.25
CA TYR A 228 -2.63 -22.36 -7.81
C TYR A 228 -2.51 -22.51 -6.28
N GLN A 229 -1.30 -22.33 -5.74
CA GLN A 229 -1.03 -22.44 -4.31
C GLN A 229 -1.78 -21.32 -3.55
N ALA A 230 -1.81 -20.12 -4.13
CA ALA A 230 -2.49 -18.96 -3.59
C ALA A 230 -4.00 -19.17 -3.54
N LEU A 231 -4.58 -19.95 -4.46
CA LEU A 231 -6.00 -20.30 -4.37
C LEU A 231 -6.27 -21.13 -3.11
N LEU A 232 -5.33 -21.97 -2.69
CA LEU A 232 -5.55 -22.77 -1.49
C LEU A 232 -5.45 -21.91 -0.22
N THR A 233 -4.30 -21.25 -0.06
CA THR A 233 -3.91 -20.63 1.19
C THR A 233 -4.71 -19.35 1.42
N SER A 234 -5.18 -18.72 0.34
CA SER A 234 -6.00 -17.54 0.44
C SER A 234 -7.41 -17.88 0.97
N GLY A 235 -7.90 -19.10 0.74
CA GLY A 235 -9.29 -19.40 1.06
C GLY A 235 -10.22 -19.29 -0.14
N VAL A 236 -9.66 -18.88 -1.31
CA VAL A 236 -10.45 -18.61 -2.51
C VAL A 236 -11.07 -19.89 -3.07
N ARG A 237 -10.30 -20.98 -3.14
CA ARG A 237 -10.86 -22.24 -3.60
C ARG A 237 -12.03 -22.68 -2.71
N GLU A 238 -11.91 -22.50 -1.39
CA GLU A 238 -12.97 -22.88 -0.46
C GLU A 238 -14.20 -22.00 -0.69
N ASP A 239 -14.00 -20.72 -1.00
CA ASP A 239 -15.12 -19.82 -1.27
C ASP A 239 -15.85 -20.27 -2.54
N MET A 240 -15.07 -20.68 -3.55
CA MET A 240 -15.63 -21.21 -4.79
C MET A 240 -16.47 -22.47 -4.51
N ARG A 241 -15.93 -23.43 -3.76
CA ARG A 241 -16.68 -24.63 -3.40
C ARG A 241 -17.99 -24.23 -2.73
N LYS A 242 -17.93 -23.28 -1.79
CA LYS A 242 -19.09 -22.85 -1.03
C LYS A 242 -20.15 -22.26 -1.97
N ARG A 243 -19.73 -21.47 -2.97
CA ARG A 243 -20.66 -20.83 -3.87
C ARG A 243 -21.19 -21.77 -4.96
N GLY A 244 -20.73 -23.02 -5.01
CA GLY A 244 -21.09 -23.96 -6.07
C GLY A 244 -20.42 -23.71 -7.43
N ILE A 245 -19.33 -22.97 -7.46
CA ILE A 245 -18.66 -22.70 -8.73
C ILE A 245 -18.20 -24.00 -9.36
N GLU A 246 -18.37 -24.11 -10.70
CA GLU A 246 -17.91 -25.27 -11.45
C GLU A 246 -17.03 -24.86 -12.63
N HIS A 247 -17.04 -23.59 -13.04
CA HIS A 247 -16.26 -23.13 -14.19
C HIS A 247 -15.52 -21.84 -13.86
N ILE A 248 -14.18 -21.79 -14.14
CA ILE A 248 -13.39 -20.60 -13.86
C ILE A 248 -12.71 -20.07 -15.13
N HIS A 249 -12.85 -18.76 -15.32
CA HIS A 249 -12.14 -18.01 -16.34
C HIS A 249 -11.01 -17.22 -15.67
N THR A 250 -9.79 -17.48 -16.14
CA THR A 250 -8.60 -16.80 -15.63
C THR A 250 -7.98 -16.00 -16.77
N TYR A 251 -7.65 -14.73 -16.46
CA TYR A 251 -7.03 -13.90 -17.47
C TYR A 251 -6.02 -12.94 -16.82
N YCM A 252 -5.27 -12.24 -17.69
CA YCM A 252 -4.30 -11.23 -17.30
CB YCM A 252 -3.10 -11.28 -18.25
SG YCM A 252 -1.80 -10.03 -17.96
CD YCM A 252 -1.06 -10.64 -16.40
CE YCM A 252 -0.32 -11.99 -16.57
OZ1 YCM A 252 -0.72 -12.98 -15.97
NZ2 YCM A 252 0.77 -12.01 -17.34
C YCM A 252 -4.94 -9.85 -17.35
O YCM A 252 -5.64 -9.53 -18.32
N VAL A 253 -4.59 -9.01 -16.35
CA VAL A 253 -5.15 -7.67 -16.17
C VAL A 253 -4.79 -6.73 -17.33
N ASP A 254 -3.71 -6.98 -18.07
CA ASP A 254 -3.15 -5.93 -18.91
C ASP A 254 -3.85 -5.81 -20.29
N ASN A 255 -4.81 -6.70 -20.57
CA ASN A 255 -5.49 -6.80 -21.85
C ASN A 255 -6.81 -6.01 -21.80
N CYS A 256 -6.78 -4.83 -22.45
CA CYS A 256 -7.91 -3.89 -22.39
CA CYS A 256 -7.85 -3.85 -22.48
C CYS A 256 -9.15 -4.43 -23.10
N LEU A 257 -9.00 -5.38 -24.07
CA LEU A 257 -10.13 -5.99 -24.80
C LEU A 257 -10.65 -7.31 -24.18
N VAL A 258 -10.15 -7.72 -23.02
CA VAL A 258 -10.50 -9.04 -22.52
C VAL A 258 -12.02 -9.17 -22.32
N LYS A 259 -12.55 -10.24 -22.91
CA LYS A 259 -13.92 -10.68 -22.73
C LYS A 259 -14.02 -11.45 -21.44
N VAL A 260 -14.33 -10.76 -20.35
CA VAL A 260 -14.33 -11.38 -19.04
C VAL A 260 -15.48 -12.34 -18.97
N ALA A 261 -15.24 -13.58 -18.48
CA ALA A 261 -16.26 -14.63 -18.41
C ALA A 261 -16.95 -14.85 -19.76
N ASP A 262 -16.19 -14.63 -20.85
CA ASP A 262 -16.72 -14.78 -22.19
C ASP A 262 -17.66 -15.99 -22.26
N PRO A 263 -18.97 -15.81 -22.52
CA PRO A 263 -19.89 -16.96 -22.55
C PRO A 263 -19.66 -17.99 -23.65
N VAL A 264 -19.20 -17.54 -24.82
CA VAL A 264 -18.83 -18.47 -25.88
C VAL A 264 -17.73 -19.44 -25.40
N PHE A 265 -16.65 -18.88 -24.81
CA PHE A 265 -15.51 -19.63 -24.29
C PHE A 265 -15.95 -20.63 -23.22
N ILE A 266 -16.74 -20.14 -22.24
CA ILE A 266 -17.20 -21.00 -21.16
C ILE A 266 -18.09 -22.11 -21.70
N GLY A 267 -19.05 -21.78 -22.56
CA GLY A 267 -19.95 -22.81 -23.07
C GLY A 267 -19.21 -23.82 -23.93
N PHE A 268 -18.27 -23.33 -24.73
CA PHE A 268 -17.41 -24.19 -25.55
C PHE A 268 -16.68 -25.21 -24.67
N ALA A 269 -16.03 -24.74 -23.61
CA ALA A 269 -15.20 -25.58 -22.77
C ALA A 269 -16.07 -26.58 -22.01
N ALA A 270 -17.14 -26.07 -21.38
CA ALA A 270 -18.05 -26.90 -20.59
C ALA A 270 -18.69 -27.98 -21.44
N SER A 271 -19.05 -27.65 -22.69
CA SER A 271 -19.73 -28.64 -23.50
C SER A 271 -18.75 -29.63 -24.11
N LYS A 272 -17.46 -29.34 -24.14
CA LYS A 272 -16.47 -30.33 -24.52
C LYS A 272 -15.98 -31.12 -23.29
N GLN A 273 -16.44 -30.72 -22.09
CA GLN A 273 -16.12 -31.36 -20.83
C GLN A 273 -14.60 -31.46 -20.57
N VAL A 274 -13.86 -30.45 -21.00
CA VAL A 274 -12.45 -30.37 -20.72
C VAL A 274 -12.22 -29.89 -19.29
N ASP A 275 -11.03 -30.24 -18.77
CA ASP A 275 -10.53 -29.68 -17.52
C ASP A 275 -9.93 -28.28 -17.74
N ILE A 276 -9.28 -28.09 -18.91
CA ILE A 276 -8.63 -26.85 -19.27
C ILE A 276 -8.95 -26.51 -20.72
N ALA A 277 -9.31 -25.24 -20.95
CA ALA A 277 -9.26 -24.66 -22.28
C ALA A 277 -8.49 -23.34 -22.23
N THR A 278 -8.15 -22.82 -23.42
CA THR A 278 -7.28 -21.67 -23.51
C THR A 278 -7.51 -20.97 -24.84
N LYS A 279 -7.33 -19.64 -24.88
CA LYS A 279 -7.46 -18.90 -26.13
C LYS A 279 -6.10 -18.56 -26.74
N VAL A 280 -6.11 -18.48 -28.07
CA VAL A 280 -4.96 -17.99 -28.81
C VAL A 280 -5.42 -17.00 -29.88
N VAL A 281 -4.47 -16.20 -30.38
CA VAL A 281 -4.62 -15.54 -31.66
C VAL A 281 -3.43 -15.89 -32.55
N ARG A 282 -3.52 -15.57 -33.85
CA ARG A 282 -2.43 -15.72 -34.79
C ARG A 282 -1.31 -14.78 -34.39
N LYS A 283 -0.11 -15.31 -34.17
CA LYS A 283 1.07 -14.53 -33.83
C LYS A 283 1.28 -13.47 -34.92
N ARG A 284 1.70 -12.25 -34.55
CA ARG A 284 1.72 -11.23 -35.60
C ARG A 284 3.02 -11.27 -36.39
N ASN A 285 4.12 -11.78 -35.80
CA ASN A 285 5.37 -11.94 -36.51
C ASN A 285 6.27 -12.82 -35.66
N ALA A 286 7.44 -13.20 -36.20
CA ALA A 286 8.31 -14.19 -35.56
C ALA A 286 8.75 -13.72 -34.16
N THR A 287 8.88 -12.40 -33.99
CA THR A 287 9.50 -11.79 -32.82
C THR A 287 8.49 -11.37 -31.74
N GLU A 288 7.19 -11.58 -31.97
CA GLU A 288 6.20 -11.10 -31.02
C GLU A 288 6.48 -11.79 -29.68
N SER A 289 6.51 -11.01 -28.61
CA SER A 289 6.73 -11.49 -27.25
C SER A 289 5.50 -12.20 -26.70
N VAL A 290 5.21 -13.38 -27.27
CA VAL A 290 4.11 -14.22 -26.82
C VAL A 290 4.57 -15.68 -26.64
N GLY A 291 3.98 -16.35 -25.65
CA GLY A 291 4.07 -17.80 -25.58
C GLY A 291 3.39 -18.42 -26.79
N LEU A 292 3.89 -19.59 -27.25
CA LEU A 292 3.26 -20.30 -28.32
C LEU A 292 2.72 -21.63 -27.80
N ILE A 293 1.45 -21.89 -28.10
CA ILE A 293 0.79 -23.09 -27.64
C ILE A 293 0.91 -24.16 -28.72
N LEU A 294 1.29 -25.37 -28.27
CA LEU A 294 1.62 -26.42 -29.22
C LEU A 294 1.62 -27.77 -28.51
N GLN A 295 2.04 -28.78 -29.27
CA GLN A 295 2.16 -30.12 -28.72
C GLN A 295 3.63 -30.42 -28.55
N LYS A 296 4.00 -30.79 -27.32
CA LYS A 296 5.38 -31.10 -26.97
C LYS A 296 5.39 -32.46 -26.32
N ASN A 297 6.13 -33.39 -26.94
CA ASN A 297 6.32 -34.74 -26.43
C ASN A 297 4.97 -35.41 -26.18
N GLY A 298 4.06 -35.26 -27.16
CA GLY A 298 2.71 -35.79 -27.08
C GLY A 298 1.70 -34.98 -26.25
N LYS A 299 2.11 -33.88 -25.59
CA LYS A 299 1.24 -33.25 -24.59
C LYS A 299 0.94 -31.80 -24.97
N PRO A 300 -0.14 -31.20 -24.43
CA PRO A 300 -0.41 -29.78 -24.63
C PRO A 300 0.57 -28.95 -23.84
N ASP A 301 1.12 -27.90 -24.47
CA ASP A 301 2.23 -27.21 -23.85
C ASP A 301 2.35 -25.81 -24.45
N VAL A 302 3.18 -24.99 -23.81
CA VAL A 302 3.48 -23.62 -24.17
C VAL A 302 5.00 -23.44 -24.12
N VAL A 303 5.56 -22.75 -25.13
CA VAL A 303 6.95 -22.32 -25.10
C VAL A 303 6.93 -20.81 -24.99
N GLU A 304 7.48 -20.31 -23.89
CA GLU A 304 7.46 -18.89 -23.59
C GLU A 304 8.45 -18.18 -24.51
N TYR A 305 8.15 -16.92 -24.88
CA TYR A 305 8.92 -16.19 -25.87
C TYR A 305 10.38 -16.06 -25.40
N SER A 306 10.60 -16.03 -24.08
CA SER A 306 11.91 -15.88 -23.45
C SER A 306 12.74 -17.16 -23.46
N GLU A 307 12.17 -18.29 -23.93
CA GLU A 307 12.82 -19.60 -23.86
C GLU A 307 12.87 -20.27 -25.24
N ILE A 308 12.23 -19.68 -26.24
CA ILE A 308 12.13 -20.31 -27.54
C ILE A 308 13.46 -20.06 -28.25
N ASP A 309 13.89 -20.99 -29.12
CA ASP A 309 15.01 -20.74 -30.02
C ASP A 309 14.53 -20.11 -31.33
N LYS A 310 15.39 -19.31 -31.95
CA LYS A 310 15.15 -18.71 -33.26
C LYS A 310 14.63 -19.74 -34.27
N GLU A 311 15.15 -20.96 -34.27
CA GLU A 311 14.80 -21.88 -35.33
C GLU A 311 13.32 -22.27 -35.29
N THR A 312 12.77 -22.52 -34.09
CA THR A 312 11.35 -22.89 -33.97
C THR A 312 10.46 -21.64 -34.12
N ALA A 313 10.88 -20.51 -33.53
CA ALA A 313 10.17 -19.26 -33.76
C ALA A 313 10.10 -18.91 -35.26
N GLU A 314 11.11 -19.26 -36.08
CA GLU A 314 11.16 -18.83 -37.48
C GLU A 314 10.76 -19.92 -38.46
N ALA A 315 10.60 -21.16 -37.98
CA ALA A 315 10.13 -22.26 -38.82
C ALA A 315 8.88 -21.84 -39.60
N LYS A 316 8.78 -22.40 -40.82
CA LYS A 316 7.74 -22.02 -41.77
C LYS A 316 6.86 -23.23 -42.06
N ASP A 317 5.62 -22.92 -42.39
CA ASP A 317 4.67 -23.94 -42.78
C ASP A 317 5.16 -24.46 -44.13
N PRO A 318 5.23 -25.79 -44.35
CA PRO A 318 5.78 -26.33 -45.60
C PRO A 318 5.01 -25.90 -46.85
N LYS A 319 3.68 -25.79 -46.74
CA LYS A 319 2.84 -25.44 -47.89
C LYS A 319 2.80 -23.93 -48.09
N GLN A 320 3.11 -23.19 -47.02
CA GLN A 320 2.95 -21.75 -46.99
C GLN A 320 4.26 -21.11 -46.50
N PRO A 321 5.20 -20.78 -47.40
CA PRO A 321 6.57 -20.46 -46.99
C PRO A 321 6.71 -19.12 -46.26
N ASP A 322 5.64 -18.29 -46.27
CA ASP A 322 5.61 -17.07 -45.48
C ASP A 322 4.75 -17.19 -44.21
N VAL A 323 4.27 -18.39 -43.82
CA VAL A 323 3.52 -18.41 -42.57
C VAL A 323 4.27 -19.25 -41.54
N LEU A 324 4.29 -18.72 -40.32
CA LEU A 324 4.98 -19.36 -39.23
C LEU A 324 4.33 -20.72 -38.96
N LYS A 325 5.17 -21.72 -38.76
CA LYS A 325 4.71 -23.06 -38.40
C LYS A 325 4.00 -23.01 -37.03
N PHE A 326 4.62 -22.29 -36.08
CA PHE A 326 4.10 -22.18 -34.73
C PHE A 326 3.58 -20.75 -34.59
N ARG A 327 2.23 -20.59 -34.61
CA ARG A 327 1.66 -19.23 -34.62
C ARG A 327 0.43 -19.11 -33.71
N ALA A 328 0.26 -20.06 -32.78
CA ALA A 328 -0.82 -20.03 -31.80
C ALA A 328 -0.33 -19.27 -30.58
N ALA A 329 -0.53 -17.94 -30.63
CA ALA A 329 -0.09 -17.02 -29.60
C ALA A 329 -1.00 -17.11 -28.37
N ASN A 330 -0.39 -17.26 -27.20
CA ASN A 330 -1.05 -17.28 -25.91
C ASN A 330 -1.48 -15.87 -25.54
N ILE A 331 -2.77 -15.72 -25.27
CA ILE A 331 -3.30 -14.45 -24.83
C ILE A 331 -3.77 -14.52 -23.36
N VAL A 332 -3.29 -15.49 -22.58
CA VAL A 332 -3.57 -15.56 -21.15
C VAL A 332 -5.07 -15.45 -20.87
N ASN A 333 -5.85 -16.33 -21.50
CA ASN A 333 -7.27 -16.48 -21.24
C ASN A 333 -7.54 -17.97 -21.12
N HIS A 334 -7.72 -18.41 -19.88
CA HIS A 334 -7.75 -19.83 -19.61
C HIS A 334 -9.08 -20.15 -18.96
N TYR A 335 -9.54 -21.37 -19.19
CA TYR A 335 -10.67 -21.95 -18.48
C TYR A 335 -10.21 -23.13 -17.63
N TYR A 336 -10.75 -23.23 -16.42
CA TYR A 336 -10.67 -24.46 -15.65
C TYR A 336 -12.05 -24.93 -15.19
N SER A 337 -12.23 -26.24 -15.09
CA SER A 337 -13.25 -26.83 -14.23
C SER A 337 -12.83 -26.67 -12.78
N PHE A 338 -13.80 -26.62 -11.87
CA PHE A 338 -13.53 -26.47 -10.46
C PHE A 338 -12.85 -27.74 -9.96
N LYS A 339 -13.30 -28.86 -10.52
CA LYS A 339 -12.71 -30.18 -10.27
C LYS A 339 -11.20 -30.17 -10.52
N PHE A 340 -10.71 -29.47 -11.55
CA PHE A 340 -9.28 -29.37 -11.76
C PHE A 340 -8.61 -28.71 -10.55
N PHE A 341 -9.24 -27.67 -9.99
CA PHE A 341 -8.68 -26.97 -8.82
C PHE A 341 -8.74 -27.81 -7.55
N GLU A 342 -9.64 -28.79 -7.49
CA GLU A 342 -9.73 -29.72 -6.38
C GLU A 342 -8.50 -30.61 -6.28
N SER A 343 -7.63 -30.68 -7.32
CA SER A 343 -6.47 -31.56 -7.29
C SER A 343 -5.13 -30.82 -7.02
N ILE A 344 -5.17 -29.52 -6.70
CA ILE A 344 -3.97 -28.68 -6.65
C ILE A 344 -2.90 -29.24 -5.72
N GLU A 345 -3.29 -29.73 -4.54
CA GLU A 345 -2.30 -30.26 -3.60
C GLU A 345 -1.42 -31.31 -4.26
N LEU A 346 -1.90 -32.08 -5.25
CA LEU A 346 -1.16 -33.23 -5.76
C LEU A 346 -0.08 -32.84 -6.77
N TRP A 347 -0.16 -31.62 -7.35
CA TRP A 347 0.77 -31.27 -8.43
C TRP A 347 1.31 -29.85 -8.36
N ALA A 348 0.86 -28.99 -7.43
CA ALA A 348 1.36 -27.61 -7.34
C ALA A 348 2.87 -27.59 -7.25
N HIS A 349 3.40 -28.49 -6.42
CA HIS A 349 4.82 -28.68 -6.22
C HIS A 349 5.55 -29.14 -7.50
N LYS A 350 4.89 -29.72 -8.51
CA LYS A 350 5.60 -30.19 -9.68
C LYS A 350 5.82 -29.10 -10.74
N LEU A 351 5.33 -27.88 -10.47
CA LEU A 351 5.48 -26.78 -11.43
C LEU A 351 6.93 -26.33 -11.45
N PRO A 352 7.62 -26.30 -12.60
CA PRO A 352 9.02 -25.89 -12.61
C PRO A 352 9.19 -24.38 -12.35
N HIS A 353 10.44 -24.02 -12.03
CA HIS A 353 10.81 -22.65 -11.74
C HIS A 353 11.59 -22.11 -12.95
N HIS A 354 11.03 -21.12 -13.62
CA HIS A 354 11.69 -20.43 -14.71
C HIS A 354 12.61 -19.37 -14.10
N VAL A 355 13.72 -19.09 -14.80
CA VAL A 355 14.79 -18.28 -14.25
C VAL A 355 14.95 -17.04 -15.11
N ALA A 356 15.03 -15.86 -14.49
CA ALA A 356 15.44 -14.68 -15.23
C ALA A 356 16.52 -13.91 -14.48
N ARG A 357 17.57 -13.53 -15.21
CA ARG A 357 18.60 -12.62 -14.72
C ARG A 357 17.99 -11.29 -14.33
N LYS A 358 18.41 -10.70 -13.19
CA LYS A 358 17.90 -9.42 -12.71
C LYS A 358 19.00 -8.61 -12.02
N LYS A 359 18.96 -7.28 -12.21
CA LYS A 359 19.59 -6.35 -11.29
C LYS A 359 18.76 -6.25 -10.02
N ILE A 360 19.30 -6.72 -8.88
CA ILE A 360 18.55 -6.70 -7.64
C ILE A 360 19.31 -5.81 -6.68
N PRO A 361 18.73 -4.67 -6.22
CA PRO A 361 19.33 -3.84 -5.18
C PRO A 361 19.34 -4.58 -3.85
N CYS A 362 20.51 -4.51 -3.19
CA CYS A 362 20.82 -5.28 -2.01
C CYS A 362 21.99 -4.66 -1.24
N ILE A 363 22.26 -5.25 -0.07
CA ILE A 363 23.40 -4.97 0.79
C ILE A 363 24.65 -5.66 0.23
N LYS A 364 25.73 -4.91 -0.02
CA LYS A 364 27.01 -5.54 -0.35
C LYS A 364 27.38 -6.46 0.82
N GLU A 365 27.73 -7.71 0.49
CA GLU A 365 27.96 -8.78 1.47
C GLU A 365 29.32 -8.54 2.11
N GLY A 366 29.34 -7.98 3.33
CA GLY A 366 30.58 -7.56 3.99
C GLY A 366 30.56 -6.07 4.36
N THR A 367 30.54 -5.20 3.34
CA THR A 367 30.39 -3.76 3.49
C THR A 367 29.17 -3.43 4.37
N GLY A 368 27.97 -3.79 3.88
CA GLY A 368 26.70 -3.30 4.40
C GLY A 368 26.08 -2.19 3.56
N GLU A 369 26.72 -1.89 2.41
CA GLU A 369 26.43 -0.74 1.55
C GLU A 369 25.26 -1.06 0.62
N PHE A 370 24.14 -0.34 0.79
CA PHE A 370 22.84 -0.69 0.22
C PHE A 370 22.74 -0.25 -1.24
N PHE A 371 23.44 -0.98 -2.14
CA PHE A 371 23.73 -0.52 -3.49
C PHE A 371 22.80 -1.12 -4.55
N LYS A 372 22.64 -0.37 -5.67
CA LYS A 372 21.96 -0.80 -6.87
C LYS A 372 23.02 -1.30 -7.86
N PRO A 373 22.95 -2.56 -8.37
CA PRO A 373 24.04 -3.13 -9.15
C PRO A 373 24.06 -2.67 -10.61
N GLU A 374 25.22 -2.84 -11.27
CA GLU A 374 25.44 -2.38 -12.62
C GLU A 374 24.97 -3.41 -13.65
N LYS A 375 25.65 -4.56 -13.65
CA LYS A 375 25.20 -5.75 -14.34
C LYS A 375 24.21 -6.54 -13.47
N PRO A 376 23.45 -7.51 -14.03
CA PRO A 376 22.49 -8.27 -13.23
C PRO A 376 23.27 -9.17 -12.28
N ASN A 377 22.96 -9.09 -10.97
CA ASN A 377 23.75 -9.73 -9.92
C ASN A 377 23.07 -10.99 -9.38
N GLY A 378 21.93 -11.38 -9.97
CA GLY A 378 21.14 -12.45 -9.42
C GLY A 378 20.00 -12.86 -10.37
N ILE A 379 19.03 -13.60 -9.80
CA ILE A 379 17.97 -14.25 -10.55
C ILE A 379 16.65 -14.17 -9.79
N LYS A 380 15.55 -14.07 -10.57
CA LYS A 380 14.20 -14.27 -10.09
C LYS A 380 13.77 -15.66 -10.57
N LEU A 381 13.03 -16.39 -9.71
CA LEU A 381 12.35 -17.64 -10.08
C LEU A 381 10.84 -17.42 -10.20
N GLU A 382 10.25 -17.96 -11.28
CA GLU A 382 8.81 -17.81 -11.50
C GLU A 382 8.21 -19.13 -11.97
N GLN A 383 7.02 -19.47 -11.45
CA GLN A 383 6.16 -20.49 -12.04
C GLN A 383 5.20 -19.82 -13.02
N PHE A 384 4.87 -20.54 -14.07
CA PHE A 384 4.01 -20.04 -15.12
C PHE A 384 2.68 -20.78 -15.05
N VAL A 385 1.59 -20.04 -15.28
CA VAL A 385 0.23 -20.55 -15.13
C VAL A 385 -0.02 -21.70 -16.13
N PHE A 386 0.56 -21.63 -17.33
CA PHE A 386 0.29 -22.64 -18.35
C PHE A 386 1.09 -23.94 -18.21
N ASP A 387 1.99 -24.05 -17.22
CA ASP A 387 2.77 -25.28 -17.03
C ASP A 387 1.94 -26.45 -16.47
N VAL A 388 0.63 -26.22 -16.16
CA VAL A 388 -0.28 -27.34 -15.91
C VAL A 388 -0.78 -28.01 -17.19
N PHE A 389 -0.56 -27.38 -18.35
CA PHE A 389 -1.07 -27.88 -19.60
C PHE A 389 -0.59 -29.30 -19.88
N PRO A 390 0.75 -29.60 -19.81
CA PRO A 390 1.24 -30.97 -20.06
C PRO A 390 0.83 -31.99 -18.99
N MET A 391 0.21 -31.51 -17.91
CA MET A 391 -0.37 -32.40 -16.91
C MET A 391 -1.73 -32.92 -17.37
N THR A 392 -2.27 -32.31 -18.43
CA THR A 392 -3.65 -32.49 -18.85
C THR A 392 -3.66 -33.28 -20.16
N PRO A 393 -4.48 -34.35 -20.23
CA PRO A 393 -4.57 -35.13 -21.46
C PRO A 393 -5.11 -34.27 -22.60
N LEU A 394 -4.71 -34.59 -23.82
CA LEU A 394 -5.18 -33.89 -25.00
C LEU A 394 -6.72 -33.83 -25.06
N GLU A 395 -7.37 -34.93 -24.71
CA GLU A 395 -8.82 -35.06 -24.79
C GLU A 395 -9.54 -34.24 -23.72
N LYS A 396 -8.85 -33.81 -22.66
CA LYS A 396 -9.42 -32.90 -21.68
C LYS A 396 -8.85 -31.48 -21.82
N PHE A 397 -8.32 -31.17 -23.00
CA PHE A 397 -7.78 -29.85 -23.27
C PHE A 397 -8.39 -29.32 -24.57
N ALA A 398 -8.64 -28.01 -24.61
CA ALA A 398 -9.14 -27.40 -25.84
C ALA A 398 -8.51 -26.02 -25.98
N CYS A 399 -8.07 -25.73 -27.20
CA CYS A 399 -7.53 -24.45 -27.59
C CYS A 399 -8.44 -23.87 -28.66
N ILE A 400 -8.82 -22.60 -28.51
CA ILE A 400 -9.75 -21.97 -29.44
C ILE A 400 -9.15 -20.66 -29.93
N GLU A 401 -9.07 -20.54 -31.26
CA GLU A 401 -8.61 -19.31 -31.87
C GLU A 401 -9.69 -18.23 -31.83
N VAL A 402 -9.25 -16.98 -31.54
CA VAL A 402 -10.10 -15.80 -31.56
C VAL A 402 -9.42 -14.68 -32.38
N ARG A 403 -10.17 -13.58 -32.57
CA ARG A 403 -9.76 -12.43 -33.34
C ARG A 403 -9.02 -11.46 -32.44
N ARG A 404 -7.80 -11.12 -32.83
CA ARG A 404 -6.98 -10.21 -32.04
C ARG A 404 -7.72 -8.89 -31.83
N GLU A 405 -8.26 -8.33 -32.92
CA GLU A 405 -8.83 -6.99 -32.94
C GLU A 405 -10.00 -6.84 -31.97
N ASP A 406 -10.64 -7.95 -31.57
CA ASP A 406 -11.74 -7.96 -30.61
C ASP A 406 -11.34 -8.47 -29.22
N GLU A 407 -10.26 -9.27 -29.12
CA GLU A 407 -10.00 -10.04 -27.91
C GLU A 407 -8.64 -9.79 -27.26
N PHE A 408 -7.68 -9.17 -27.96
CA PHE A 408 -6.32 -9.08 -27.46
C PHE A 408 -5.63 -7.77 -27.83
N SER A 409 -5.56 -6.87 -26.83
CA SER A 409 -4.82 -5.62 -26.92
C SER A 409 -4.00 -5.37 -25.65
N PRO A 410 -2.81 -5.96 -25.47
CA PRO A 410 -2.08 -5.87 -24.20
C PRO A 410 -1.35 -4.53 -23.99
N LEU A 411 -1.38 -4.07 -22.74
CA LEU A 411 -0.58 -2.95 -22.23
C LEU A 411 0.71 -3.47 -21.56
N LYS A 412 1.79 -3.48 -22.35
CA LYS A 412 3.11 -3.95 -21.91
C LYS A 412 4.09 -2.79 -21.75
N ASN A 413 3.96 -1.76 -22.60
CA ASN A 413 4.97 -0.70 -22.70
C ASN A 413 4.35 0.68 -22.46
N ALA A 414 5.23 1.64 -22.20
CA ALA A 414 4.81 3.00 -21.86
C ALA A 414 4.40 3.79 -23.11
N ARG A 415 3.57 4.81 -22.90
CA ARG A 415 3.20 5.77 -23.93
C ARG A 415 4.45 6.17 -24.72
N GLY A 416 4.43 6.04 -26.05
CA GLY A 416 5.55 6.49 -26.86
C GLY A 416 6.30 5.33 -27.52
N THR A 417 6.06 4.10 -27.05
CA THR A 417 6.74 2.91 -27.54
C THR A 417 6.32 2.63 -28.99
N GLY A 418 5.01 2.66 -29.22
CA GLY A 418 4.46 2.43 -30.54
C GLY A 418 3.74 1.10 -30.65
N GLU A 419 3.96 0.17 -29.72
CA GLU A 419 3.13 -1.03 -29.68
C GLU A 419 2.90 -1.51 -28.25
N ASP A 420 1.82 -2.27 -28.13
CA ASP A 420 1.39 -2.86 -26.88
C ASP A 420 1.48 -1.85 -25.75
N ASP A 421 1.07 -0.60 -26.04
CA ASP A 421 1.19 0.52 -25.11
C ASP A 421 -0.18 1.17 -24.92
N PRO A 422 -0.30 2.25 -24.12
CA PRO A 422 -1.60 2.90 -23.89
C PRO A 422 -2.34 3.45 -25.11
N ASP A 423 -1.60 3.88 -26.15
CA ASP A 423 -2.22 4.42 -27.35
C ASP A 423 -2.75 3.32 -28.27
N THR A 424 -2.02 2.20 -28.43
CA THR A 424 -2.53 1.09 -29.21
C THR A 424 -3.77 0.53 -28.52
N SER A 425 -3.77 0.51 -27.18
CA SER A 425 -4.90 0.04 -26.37
C SER A 425 -6.13 0.90 -26.59
N LYS A 426 -5.99 2.22 -26.36
CA LYS A 426 -7.02 3.20 -26.60
C LYS A 426 -7.62 3.03 -27.99
N ARG A 427 -6.74 2.93 -29.01
CA ARG A 427 -7.15 2.92 -30.41
C ARG A 427 -7.94 1.65 -30.68
N ASP A 428 -7.54 0.52 -30.07
CA ASP A 428 -8.20 -0.76 -30.22
C ASP A 428 -9.61 -0.75 -29.62
N ILE A 429 -9.78 -0.17 -28.43
CA ILE A 429 -11.10 -0.13 -27.82
C ILE A 429 -12.03 0.73 -28.68
N MET A 430 -11.52 1.88 -29.10
CA MET A 430 -12.31 2.88 -29.76
C MET A 430 -12.61 2.49 -31.20
N SER A 431 -11.65 1.83 -31.83
CA SER A 431 -11.88 1.20 -33.12
C SER A 431 -12.90 0.06 -33.01
N GLN A 432 -12.84 -0.70 -31.92
CA GLN A 432 -13.85 -1.72 -31.66
C GLN A 432 -15.22 -1.10 -31.56
N GLY A 433 -15.31 -0.04 -30.76
CA GLY A 433 -16.61 0.55 -30.47
C GLY A 433 -17.30 1.07 -31.74
N GLN A 434 -16.53 1.70 -32.65
CA GLN A 434 -17.02 2.17 -33.93
C GLN A 434 -17.47 1.01 -34.83
N ARG A 435 -16.67 -0.06 -34.89
CA ARG A 435 -17.11 -1.23 -35.63
C ARG A 435 -18.48 -1.71 -35.13
N TRP A 436 -18.74 -1.68 -33.82
CA TRP A 436 -19.96 -2.28 -33.27
C TRP A 436 -21.18 -1.45 -33.67
N ILE A 437 -20.98 -0.13 -33.62
CA ILE A 437 -22.00 0.86 -33.87
C ILE A 437 -22.36 0.78 -35.35
N GLU A 438 -21.32 0.78 -36.20
CA GLU A 438 -21.50 0.66 -37.65
C GLU A 438 -22.25 -0.61 -38.01
N LYS A 439 -21.96 -1.73 -37.32
CA LYS A 439 -22.72 -2.96 -37.56
C LYS A 439 -24.18 -2.82 -37.11
N ALA A 440 -24.45 -2.04 -36.04
CA ALA A 440 -25.78 -1.88 -35.44
C ALA A 440 -26.62 -0.86 -36.21
N GLY A 441 -25.97 -0.07 -37.09
CA GLY A 441 -26.62 0.81 -38.05
C GLY A 441 -26.16 2.26 -37.94
N GLY A 442 -25.27 2.58 -36.99
CA GLY A 442 -24.95 3.98 -36.73
C GLY A 442 -23.90 4.46 -37.73
N ILE A 443 -23.69 5.77 -37.76
CA ILE A 443 -22.78 6.38 -38.70
C ILE A 443 -21.83 7.23 -37.87
N VAL A 444 -20.54 6.93 -37.98
CA VAL A 444 -19.53 7.67 -37.25
C VAL A 444 -18.89 8.65 -38.23
N ILE A 445 -18.85 9.94 -37.86
CA ILE A 445 -18.52 11.00 -38.80
C ILE A 445 -17.00 11.10 -39.03
N THR A 446 -16.21 11.51 -38.00
CA THR A 446 -14.76 11.63 -38.15
C THR A 446 -14.37 12.72 -39.17
N VAL A 451 -10.10 9.40 -33.47
CA VAL A 451 -11.00 8.49 -34.25
C VAL A 451 -11.48 7.34 -33.35
N GLY A 452 -12.61 6.75 -33.73
CA GLY A 452 -13.19 5.68 -32.94
C GLY A 452 -14.21 6.19 -31.93
N VAL A 453 -14.90 5.25 -31.28
CA VAL A 453 -15.90 5.53 -30.28
C VAL A 453 -15.72 4.57 -29.12
N GLU A 454 -15.73 5.13 -27.90
CA GLU A 454 -15.74 4.33 -26.68
C GLU A 454 -17.17 3.93 -26.33
N VAL A 455 -17.47 2.64 -26.39
CA VAL A 455 -18.74 2.13 -25.92
C VAL A 455 -18.56 1.57 -24.52
N SER A 456 -19.24 2.16 -23.53
CA SER A 456 -19.22 1.61 -22.20
C SER A 456 -19.65 0.16 -22.25
N PRO A 457 -18.99 -0.73 -21.45
CA PRO A 457 -19.45 -2.11 -21.28
C PRO A 457 -20.87 -2.20 -20.71
N LEU A 458 -21.29 -1.19 -19.95
CA LEU A 458 -22.62 -1.21 -19.35
C LEU A 458 -23.67 -1.03 -20.45
N ILE A 459 -23.27 -0.39 -21.56
CA ILE A 459 -24.09 -0.27 -22.77
C ILE A 459 -23.96 -1.54 -23.62
N SER A 460 -22.74 -1.96 -23.98
CA SER A 460 -22.56 -3.18 -24.76
C SER A 460 -21.38 -3.98 -24.22
N TYR A 461 -21.62 -5.23 -23.86
CA TYR A 461 -20.56 -6.19 -23.59
C TYR A 461 -19.77 -6.49 -24.85
N GLY A 462 -20.48 -6.92 -25.90
CA GLY A 462 -19.79 -7.49 -27.05
C GLY A 462 -20.41 -7.02 -28.36
N GLY A 463 -21.09 -5.86 -28.39
CA GLY A 463 -21.67 -5.32 -29.62
C GLY A 463 -23.19 -5.35 -29.68
N GLU A 464 -23.86 -6.11 -28.78
CA GLU A 464 -25.32 -6.10 -28.61
C GLU A 464 -25.83 -4.80 -27.96
N GLY A 465 -27.13 -4.53 -28.13
CA GLY A 465 -27.81 -3.48 -27.40
C GLY A 465 -27.57 -2.11 -28.01
N LEU A 466 -27.16 -2.04 -29.28
CA LEU A 466 -26.82 -0.75 -29.89
C LEU A 466 -27.82 -0.35 -30.98
N GLU A 467 -28.94 -1.07 -31.09
CA GLU A 467 -30.01 -0.71 -32.00
C GLU A 467 -30.43 0.74 -31.84
N PHE A 468 -30.44 1.26 -30.62
CA PHE A 468 -30.95 2.60 -30.35
C PHE A 468 -30.14 3.66 -31.10
N LEU A 469 -29.05 3.23 -31.77
CA LEU A 469 -28.11 4.10 -32.46
C LEU A 469 -28.31 4.05 -33.97
N LYS A 470 -29.20 3.18 -34.43
CA LYS A 470 -29.47 3.05 -35.85
C LYS A 470 -29.95 4.38 -36.42
N GLY A 471 -29.30 4.81 -37.52
CA GLY A 471 -29.66 6.06 -38.16
C GLY A 471 -28.85 7.24 -37.63
N ARG A 472 -28.56 7.25 -36.32
CA ARG A 472 -27.90 8.38 -35.67
C ARG A 472 -26.49 8.51 -36.22
N GLU A 473 -26.05 9.78 -36.36
CA GLU A 473 -24.68 10.15 -36.66
C GLU A 473 -23.96 10.36 -35.34
N ILE A 474 -22.70 9.88 -35.23
CA ILE A 474 -21.88 10.11 -34.05
C ILE A 474 -20.58 10.75 -34.50
N LYS A 475 -20.21 11.88 -33.86
CA LYS A 475 -18.97 12.55 -34.18
C LYS A 475 -17.89 11.96 -33.29
N ALA A 476 -16.94 11.23 -33.91
CA ALA A 476 -15.80 10.66 -33.22
C ALA A 476 -14.78 11.77 -32.95
N PRO A 477 -14.01 11.75 -31.82
CA PRO A 477 -14.15 10.73 -30.78
C PRO A 477 -15.41 10.92 -29.92
N ALA A 478 -16.07 9.82 -29.54
CA ALA A 478 -17.29 9.92 -28.74
C ALA A 478 -17.29 8.89 -27.62
N PHE A 479 -18.20 9.02 -26.66
CA PHE A 479 -18.32 8.12 -25.53
C PHE A 479 -19.81 7.80 -25.32
N ILE A 480 -20.18 6.54 -25.55
CA ILE A 480 -21.52 6.05 -25.27
C ILE A 480 -21.51 5.43 -23.86
N GLU A 481 -22.21 6.07 -22.89
CA GLU A 481 -22.48 5.58 -21.53
C GLU A 481 -23.97 5.62 -21.19
N LYS A 482 -24.35 5.14 -19.99
CA LYS A 482 -25.64 5.46 -19.38
C LYS A 482 -26.23 6.75 -19.98
N PRO B 2 29.27 33.39 32.76
CA PRO B 2 29.30 32.74 34.08
C PRO B 2 30.59 33.05 34.86
N SER B 3 30.47 33.11 36.20
CA SER B 3 31.48 33.72 37.04
C SER B 3 32.38 32.73 37.78
N ALA B 4 32.89 31.67 37.14
CA ALA B 4 33.91 30.85 37.78
C ALA B 4 33.41 30.30 39.12
N GLU B 5 32.94 31.18 40.02
CA GLU B 5 32.11 30.81 41.16
C GLU B 5 30.87 30.01 40.70
N GLU B 6 30.07 30.55 39.76
CA GLU B 6 28.85 29.88 39.29
C GLU B 6 29.23 28.61 38.51
N PHE B 7 30.15 28.76 37.57
CA PHE B 7 30.73 27.66 36.84
C PHE B 7 31.07 26.50 37.77
N GLN B 8 31.64 26.81 38.95
CA GLN B 8 32.23 25.78 39.79
C GLN B 8 31.14 25.22 40.70
N GLN B 9 30.10 25.99 41.02
CA GLN B 9 28.96 25.40 41.70
C GLN B 9 28.28 24.34 40.82
N LEU B 10 28.18 24.63 39.53
CA LEU B 10 27.63 23.73 38.53
C LEU B 10 28.48 22.48 38.39
N ARG B 11 29.82 22.64 38.40
CA ARG B 11 30.76 21.55 38.21
C ARG B 11 30.78 20.59 39.41
N LYS B 12 30.56 21.14 40.62
CA LYS B 12 30.40 20.35 41.82
C LYS B 12 29.18 19.44 41.67
N LYS B 13 28.02 20.07 41.41
CA LYS B 13 26.73 19.40 41.26
C LYS B 13 26.87 18.23 40.28
N TYR B 14 27.51 18.46 39.13
CA TYR B 14 27.75 17.43 38.14
C TYR B 14 28.72 16.37 38.65
N THR B 15 29.77 16.79 39.35
CA THR B 15 30.81 15.85 39.77
C THR B 15 30.30 14.99 40.93
N ASP B 16 29.56 15.59 41.89
CA ASP B 16 28.86 14.83 42.95
C ASP B 16 27.86 13.83 42.34
N ALA B 17 27.29 14.19 41.18
CA ALA B 17 26.32 13.32 40.53
C ALA B 17 26.99 12.28 39.64
N GLY B 18 28.32 12.27 39.57
CA GLY B 18 29.03 11.21 38.86
C GLY B 18 29.12 11.52 37.37
N GLN B 19 29.01 12.80 37.02
CA GLN B 19 28.92 13.21 35.63
C GLN B 19 29.94 14.31 35.36
N GLY B 20 31.03 14.32 36.13
CA GLY B 20 32.09 15.32 36.08
C GLY B 20 32.83 15.35 34.75
N HIS B 21 32.87 14.21 34.04
CA HIS B 21 33.53 14.11 32.74
C HIS B 21 33.03 15.15 31.75
N VAL B 22 31.83 15.75 31.97
CA VAL B 22 31.26 16.68 31.00
C VAL B 22 32.08 17.97 30.95
N PHE B 23 32.92 18.18 31.99
CA PHE B 23 33.82 19.34 32.10
C PHE B 23 35.26 19.04 31.68
N ALA B 24 35.57 17.84 31.19
CA ALA B 24 36.96 17.42 31.03
C ALA B 24 37.75 18.30 30.04
N PHE B 25 37.08 18.98 29.09
CA PHE B 25 37.77 19.71 28.04
C PHE B 25 37.69 21.22 28.23
N VAL B 26 37.30 21.68 29.44
CA VAL B 26 37.07 23.09 29.71
C VAL B 26 38.35 23.91 29.56
N ASP B 27 39.50 23.28 29.84
CA ASP B 27 40.81 23.92 29.66
C ASP B 27 41.25 23.77 28.22
N GLU B 28 40.82 24.74 27.39
CA GLU B 28 41.04 24.75 25.95
C GLU B 28 39.80 25.29 25.24
N LEU B 29 38.66 25.35 25.95
CA LEU B 29 37.45 25.99 25.43
C LEU B 29 37.66 27.51 25.34
N GLN B 30 37.38 28.06 24.15
CA GLN B 30 37.05 29.47 24.02
C GLN B 30 36.17 29.91 25.18
N THR B 31 36.21 31.21 25.46
CA THR B 31 35.38 31.78 26.51
C THR B 31 33.90 31.73 26.09
N GLY B 32 33.64 31.72 24.76
CA GLY B 32 32.30 31.61 24.22
C GLY B 32 31.72 30.19 24.32
N GLU B 33 32.56 29.19 24.02
CA GLU B 33 32.21 27.78 24.07
C GLU B 33 31.91 27.29 25.50
N ARG B 34 32.67 27.76 26.50
CA ARG B 34 32.47 27.33 27.88
C ARG B 34 31.17 27.95 28.44
N SER B 35 30.71 29.08 27.86
CA SER B 35 29.47 29.73 28.31
C SER B 35 28.25 28.96 27.79
N GLN B 36 28.35 28.49 26.55
CA GLN B 36 27.36 27.58 25.99
C GLN B 36 27.28 26.30 26.81
N LEU B 37 28.44 25.65 27.05
CA LEU B 37 28.49 24.45 27.87
C LEU B 37 27.88 24.75 29.24
N PHE B 38 28.19 25.90 29.85
CA PHE B 38 27.57 26.27 31.14
C PHE B 38 26.06 26.37 31.00
N HIS B 39 25.57 27.05 29.95
CA HIS B 39 24.15 27.33 29.82
C HIS B 39 23.40 26.04 29.50
N GLN B 40 24.00 25.16 28.68
CA GLN B 40 23.37 23.89 28.34
C GLN B 40 23.17 23.04 29.60
N LEU B 41 24.22 22.89 30.42
CA LEU B 41 24.19 22.00 31.58
C LEU B 41 23.36 22.58 32.72
N SER B 42 23.25 23.92 32.77
CA SER B 42 22.42 24.58 33.78
C SER B 42 20.95 24.19 33.59
N SER B 43 20.58 23.77 32.36
CA SER B 43 19.21 23.42 32.07
C SER B 43 18.84 22.02 32.58
N PHE B 44 19.80 21.10 32.80
CA PHE B 44 19.50 19.76 33.30
C PHE B 44 19.85 19.60 34.78
N ASP B 45 19.08 18.78 35.49
CA ASP B 45 19.45 18.29 36.81
C ASP B 45 20.11 16.92 36.65
N PRO B 46 21.44 16.77 36.88
CA PRO B 46 22.10 15.49 36.65
C PRO B 46 21.70 14.37 37.61
N VAL B 47 21.17 14.72 38.79
CA VAL B 47 20.60 13.74 39.72
C VAL B 47 19.37 13.09 39.11
N ARG B 48 18.48 13.94 38.55
CA ARG B 48 17.30 13.48 37.83
C ARG B 48 17.70 12.64 36.60
N ILE B 49 18.71 13.08 35.83
CA ILE B 49 19.25 12.25 34.75
C ILE B 49 19.55 10.84 35.27
N ASN B 50 20.19 10.77 36.45
CA ASN B 50 20.67 9.52 37.01
C ASN B 50 19.50 8.64 37.46
N GLU B 51 18.49 9.22 38.10
CA GLU B 51 17.30 8.46 38.45
C GLU B 51 16.67 7.83 37.20
N LEU B 52 16.51 8.63 36.13
CA LEU B 52 15.89 8.15 34.90
C LEU B 52 16.80 7.11 34.25
N ALA B 53 18.10 7.40 34.14
CA ALA B 53 19.05 6.49 33.53
C ALA B 53 19.00 5.15 34.22
N ASP B 54 18.81 5.15 35.56
CA ASP B 54 18.88 3.94 36.36
C ASP B 54 17.58 3.13 36.24
N LYS B 55 16.41 3.79 36.37
CA LYS B 55 15.14 3.07 36.24
C LYS B 55 14.99 2.53 34.82
N ALA B 56 15.57 3.21 33.83
CA ALA B 56 15.51 2.77 32.44
C ALA B 56 16.44 1.59 32.17
N LEU B 57 17.61 1.55 32.83
CA LEU B 57 18.64 0.57 32.54
C LEU B 57 18.49 -0.63 33.47
N ASN B 58 17.70 -0.48 34.56
CA ASN B 58 17.45 -1.54 35.54
C ASN B 58 15.97 -1.59 35.89
N PRO B 59 15.06 -2.04 34.99
CA PRO B 59 13.69 -2.38 35.39
C PRO B 59 13.66 -3.70 36.17
N ASP B 63 5.31 -10.71 35.44
CA ASP B 63 3.95 -11.37 35.43
C ASP B 63 3.86 -12.28 34.21
N ASP B 64 4.47 -13.49 34.31
CA ASP B 64 4.31 -14.54 33.32
C ASP B 64 5.32 -14.41 32.19
N GLY B 65 5.04 -15.13 31.09
CA GLY B 65 5.88 -15.16 29.90
C GLY B 65 5.21 -14.47 28.71
N PRO B 66 4.47 -15.20 27.84
CA PRO B 66 3.76 -14.58 26.71
C PRO B 66 2.49 -13.79 27.06
N ALA B 67 2.38 -12.56 26.52
CA ALA B 67 1.19 -11.72 26.66
C ALA B 67 0.03 -12.30 25.84
N SER B 68 -1.23 -12.13 26.33
CA SER B 68 -2.44 -12.52 25.59
C SER B 68 -3.02 -11.35 24.78
N LEU B 69 -2.84 -11.43 23.45
CA LEU B 69 -3.24 -10.38 22.51
C LEU B 69 -4.59 -10.69 21.87
N GLU B 70 -5.52 -9.73 21.96
CA GLU B 70 -6.84 -9.81 21.36
C GLU B 70 -7.13 -8.53 20.57
N PRO B 71 -7.85 -8.57 19.43
CA PRO B 71 -8.44 -7.36 18.88
C PRO B 71 -9.18 -6.58 19.95
N LEU B 72 -9.17 -5.24 19.83
CA LEU B 72 -10.10 -4.38 20.55
C LEU B 72 -11.52 -4.88 20.37
N PRO B 73 -12.43 -4.72 21.34
CA PRO B 73 -13.81 -5.16 21.16
C PRO B 73 -14.56 -4.18 20.25
N ASP B 74 -15.68 -4.66 19.66
CA ASP B 74 -16.39 -3.98 18.59
C ASP B 74 -17.01 -2.68 19.09
N ILE B 75 -17.28 -2.63 20.41
CA ILE B 75 -17.81 -1.46 21.07
C ILE B 75 -16.79 -0.30 21.02
N ALA B 76 -15.49 -0.61 21.05
CA ALA B 76 -14.47 0.42 21.07
C ALA B 76 -14.12 0.93 19.67
N THR B 77 -14.58 0.28 18.58
CA THR B 77 -14.04 0.57 17.25
C THR B 77 -15.12 1.09 16.32
N ALA B 78 -14.67 1.87 15.32
CA ALA B 78 -15.43 2.21 14.14
C ALA B 78 -14.51 2.12 12.92
N SER B 79 -15.07 2.30 11.72
CA SER B 79 -14.26 2.28 10.51
C SER B 79 -14.92 3.13 9.43
N ILE B 80 -14.13 3.99 8.80
CA ILE B 80 -14.59 4.76 7.65
C ILE B 80 -15.02 3.81 6.53
N LEU B 81 -14.28 2.72 6.34
CA LEU B 81 -14.52 1.76 5.28
C LEU B 81 -15.82 1.00 5.51
N ASP B 82 -16.06 0.57 6.77
CA ASP B 82 -17.04 -0.47 7.05
C ASP B 82 -18.15 0.01 7.98
N SER B 83 -18.11 1.24 8.49
CA SER B 83 -19.16 1.67 9.40
C SER B 83 -20.38 2.08 8.59
N ASP B 84 -21.49 2.29 9.32
CA ASP B 84 -22.72 2.77 8.75
C ASP B 84 -22.48 4.22 8.27
N PRO B 85 -22.63 4.54 6.97
CA PRO B 85 -22.57 5.95 6.52
C PRO B 85 -23.41 6.96 7.28
N LYS B 86 -24.52 6.56 7.92
CA LYS B 86 -25.33 7.48 8.74
C LYS B 86 -24.57 7.88 10.00
N ASP B 87 -23.90 6.91 10.62
CA ASP B 87 -23.03 7.17 11.76
C ASP B 87 -21.86 8.08 11.37
N LEU B 88 -21.22 7.83 10.21
CA LEU B 88 -20.14 8.66 9.73
C LEU B 88 -20.64 10.10 9.58
N GLU B 89 -21.82 10.26 8.99
CA GLU B 89 -22.37 11.59 8.77
C GLU B 89 -22.69 12.29 10.10
N GLN B 90 -23.37 11.59 11.01
CA GLN B 90 -23.67 12.14 12.31
C GLN B 90 -22.40 12.58 13.07
N TRP B 91 -21.36 11.71 13.07
CA TRP B 91 -20.09 12.01 13.74
C TRP B 91 -19.44 13.24 13.12
N TYR B 92 -19.44 13.32 11.79
CA TYR B 92 -18.88 14.47 11.08
C TYR B 92 -19.58 15.76 11.51
N GLU B 93 -20.92 15.70 11.54
CA GLU B 93 -21.73 16.85 11.90
C GLU B 93 -21.48 17.27 13.33
N GLU B 94 -21.45 16.31 14.26
CA GLU B 94 -21.25 16.57 15.69
C GLU B 94 -19.86 17.13 15.97
N GLY B 95 -18.89 16.64 15.20
CA GLY B 95 -17.51 17.07 15.32
C GLY B 95 -17.32 18.51 14.82
N LEU B 96 -18.01 18.86 13.74
CA LEU B 96 -17.91 20.18 13.15
C LEU B 96 -18.69 21.17 14.02
N LYS B 97 -19.67 20.68 14.77
CA LYS B 97 -20.42 21.48 15.73
C LYS B 97 -19.51 21.86 16.91
N LEU B 98 -18.68 20.91 17.38
CA LEU B 98 -17.72 21.16 18.43
C LEU B 98 -16.66 22.16 17.98
N VAL B 99 -16.22 22.09 16.71
CA VAL B 99 -15.27 23.04 16.17
C VAL B 99 -15.87 24.44 16.20
N ALA B 100 -17.13 24.51 15.74
CA ALA B 100 -17.87 25.76 15.65
C ALA B 100 -18.04 26.36 17.04
N GLY B 101 -18.17 25.53 18.09
CA GLY B 101 -18.26 26.00 19.46
C GLY B 101 -16.91 26.36 20.08
N ASN B 102 -15.82 26.42 19.29
CA ASN B 102 -14.50 26.72 19.80
C ASN B 102 -14.05 25.76 20.91
N LYS B 103 -14.40 24.48 20.77
CA LYS B 103 -14.15 23.47 21.82
C LYS B 103 -12.99 22.55 21.47
N VAL B 104 -12.34 22.79 20.33
CA VAL B 104 -11.39 21.85 19.76
C VAL B 104 -10.06 22.55 19.60
N ALA B 105 -9.01 21.87 20.08
CA ALA B 105 -7.63 22.30 19.87
C ALA B 105 -6.82 21.20 19.19
N VAL B 106 -5.68 21.61 18.63
CA VAL B 106 -4.75 20.66 18.05
C VAL B 106 -3.40 20.81 18.74
N VAL B 107 -2.76 19.68 19.14
CA VAL B 107 -1.33 19.73 19.49
C VAL B 107 -0.54 19.05 18.37
N LEU B 108 0.33 19.83 17.71
CA LEU B 108 1.20 19.32 16.69
C LEU B 108 2.51 18.85 17.34
N MET B 109 2.88 17.59 17.12
CA MET B 109 4.19 17.08 17.54
C MET B 109 5.17 17.32 16.38
N ALA B 110 5.85 18.48 16.42
CA ALA B 110 6.57 19.00 15.27
C ALA B 110 8.00 18.45 15.23
N GLY B 111 8.41 17.84 16.36
CA GLY B 111 9.66 17.10 16.51
C GLY B 111 10.84 18.00 16.16
N GLY B 112 11.19 17.98 14.87
CA GLY B 112 11.98 19.03 14.26
C GLY B 112 13.11 18.43 13.42
N GLN B 113 13.96 19.31 12.88
CA GLN B 113 15.27 18.93 12.39
C GLN B 113 15.08 17.90 11.28
N GLY B 114 14.90 18.38 10.05
CA GLY B 114 14.63 17.49 8.94
C GLY B 114 15.92 16.93 8.35
N THR B 115 16.79 16.38 9.21
CA THR B 115 18.15 16.03 8.82
C THR B 115 18.14 14.77 7.95
N ARG B 116 17.37 13.79 8.41
CA ARG B 116 17.04 12.58 7.68
C ARG B 116 16.81 12.83 6.17
N LEU B 117 16.00 13.83 5.82
CA LEU B 117 15.57 14.02 4.43
C LEU B 117 16.18 15.32 3.86
N SER B 120 18.35 19.45 8.72
CA SER B 120 18.50 20.81 8.15
C SER B 120 17.56 21.78 8.88
N ALA B 121 16.51 22.31 8.22
CA ALA B 121 15.51 23.15 8.88
C ALA B 121 14.57 22.30 9.75
N PRO B 122 13.54 22.88 10.42
CA PRO B 122 12.45 22.08 11.00
C PRO B 122 11.75 21.24 9.93
N LYS B 123 11.29 20.04 10.32
CA LYS B 123 10.66 19.12 9.39
C LYS B 123 9.41 19.74 8.75
N GLY B 124 8.62 20.47 9.56
CA GLY B 124 7.44 21.17 9.08
C GLY B 124 7.70 22.09 7.89
N CYS B 125 8.92 22.64 7.80
CA CYS B 125 9.31 23.52 6.70
C CYS B 125 9.62 22.77 5.41
N PHE B 126 9.66 21.43 5.41
CA PHE B 126 10.03 20.70 4.21
C PHE B 126 9.04 20.93 3.06
N ASP B 127 9.62 21.12 1.87
CA ASP B 127 8.94 21.19 0.60
C ASP B 127 9.12 19.84 -0.12
N ILE B 128 8.02 19.08 -0.25
CA ILE B 128 8.05 17.74 -0.85
C ILE B 128 7.94 17.80 -2.38
N GLY B 129 7.84 19.02 -2.95
CA GLY B 129 7.91 19.23 -4.39
C GLY B 129 6.55 19.35 -5.06
N LEU B 130 5.50 19.75 -4.33
CA LEU B 130 4.21 19.94 -4.97
C LEU B 130 4.34 21.11 -5.94
N PRO B 131 3.49 21.22 -6.99
CA PRO B 131 3.40 22.44 -7.79
C PRO B 131 3.58 23.69 -6.93
N SER B 132 2.76 23.81 -5.87
CA SER B 132 2.70 25.02 -5.03
C SER B 132 4.03 25.29 -4.32
N HIS B 133 4.84 24.25 -4.09
CA HIS B 133 6.04 24.32 -3.27
C HIS B 133 5.71 24.66 -1.81
N LYS B 134 4.48 24.44 -1.37
CA LYS B 134 4.11 24.67 0.02
C LYS B 134 4.78 23.64 0.93
N SER B 135 5.10 24.14 2.13
CA SER B 135 5.63 23.35 3.24
C SER B 135 4.54 22.53 3.91
N LEU B 136 4.97 21.50 4.67
CA LEU B 136 4.03 20.76 5.49
C LEU B 136 3.25 21.69 6.43
N PHE B 137 3.92 22.71 6.99
CA PHE B 137 3.28 23.60 7.97
C PHE B 137 2.13 24.35 7.32
N GLN B 138 2.41 24.92 6.12
CA GLN B 138 1.44 25.70 5.37
C GLN B 138 0.24 24.86 4.98
N ILE B 139 0.47 23.64 4.45
CA ILE B 139 -0.61 22.73 4.11
C ILE B 139 -1.49 22.50 5.35
N GLN B 140 -0.90 22.20 6.52
CA GLN B 140 -1.67 21.94 7.73
C GLN B 140 -2.41 23.19 8.20
N ALA B 141 -1.79 24.36 8.09
CA ALA B 141 -2.43 25.60 8.50
C ALA B 141 -3.68 25.85 7.66
N GLU B 142 -3.54 25.62 6.34
CA GLU B 142 -4.61 25.92 5.40
C GLU B 142 -5.80 24.99 5.62
N ARG B 143 -5.54 23.73 6.02
CA ARG B 143 -6.61 22.83 6.40
C ARG B 143 -7.35 23.37 7.61
N ILE B 144 -6.59 23.78 8.64
CA ILE B 144 -7.18 24.44 9.79
C ILE B 144 -8.03 25.63 9.33
N ALA B 145 -7.51 26.49 8.46
CA ALA B 145 -8.25 27.68 8.07
C ALA B 145 -9.57 27.30 7.40
N LYS B 146 -9.48 26.33 6.47
CA LYS B 146 -10.63 25.86 5.72
C LYS B 146 -11.67 25.22 6.66
N LEU B 147 -11.23 24.33 7.57
CA LEU B 147 -12.14 23.70 8.51
C LEU B 147 -12.91 24.72 9.36
N GLN B 148 -12.23 25.82 9.74
CA GLN B 148 -12.85 26.89 10.54
C GLN B 148 -13.97 27.58 9.75
N LEU B 149 -13.71 27.82 8.45
CA LEU B 149 -14.68 28.41 7.53
C LEU B 149 -15.87 27.47 7.31
N LEU B 150 -15.62 26.16 7.16
CA LEU B 150 -16.70 25.18 7.10
C LEU B 150 -17.54 25.22 8.38
N ALA B 151 -16.87 25.28 9.53
CA ALA B 151 -17.55 25.39 10.82
C ALA B 151 -18.38 26.69 10.92
N GLN B 152 -17.86 27.79 10.37
CA GLN B 152 -18.56 29.08 10.46
C GLN B 152 -19.86 29.02 9.68
N ARG B 153 -19.86 28.28 8.57
CA ARG B 153 -21.03 28.05 7.74
C ARG B 153 -22.16 27.36 8.49
N ILE B 154 -21.90 26.57 9.54
CA ILE B 154 -23.03 26.00 10.27
C ILE B 154 -23.39 26.92 11.42
N SER B 155 -22.43 27.67 11.99
CA SER B 155 -22.65 28.39 13.23
C SER B 155 -23.11 29.85 13.00
N GLY B 156 -22.66 30.47 11.91
CA GLY B 156 -22.83 31.90 11.72
C GLY B 156 -21.63 32.73 12.18
N LYS B 157 -20.74 32.14 12.98
CA LYS B 157 -19.67 32.93 13.62
C LYS B 157 -18.30 32.30 13.38
N GLU B 158 -17.24 33.08 13.65
CA GLU B 158 -15.86 32.63 13.52
C GLU B 158 -15.70 31.38 14.40
N ALA B 159 -15.02 30.36 13.85
CA ALA B 159 -14.58 29.21 14.65
C ALA B 159 -13.06 29.30 14.76
N VAL B 160 -12.53 28.90 15.92
CA VAL B 160 -11.11 28.93 16.21
C VAL B 160 -10.73 27.55 16.76
N ILE B 161 -9.82 26.91 16.02
CA ILE B 161 -9.03 25.78 16.49
C ILE B 161 -7.63 26.27 16.82
N PRO B 162 -7.24 26.44 18.12
CA PRO B 162 -5.86 26.78 18.49
C PRO B 162 -4.91 25.62 18.15
N TRP B 163 -3.72 26.02 17.68
CA TRP B 163 -2.72 25.12 17.14
C TRP B 163 -1.48 25.27 18.01
N TYR B 164 -1.32 24.30 18.92
CA TYR B 164 -0.20 24.26 19.84
C TYR B 164 0.87 23.40 19.20
N VAL B 165 1.93 24.06 18.71
CA VAL B 165 2.96 23.49 17.87
C VAL B 165 4.16 23.14 18.75
N MET B 166 4.39 21.84 19.01
CA MET B 166 5.33 21.43 20.04
C MET B 166 6.63 21.04 19.33
N THR B 167 7.68 21.80 19.65
CA THR B 167 9.00 21.74 19.03
C THR B 167 10.01 21.29 20.10
N SER B 168 11.22 20.98 19.63
CA SER B 168 12.33 20.70 20.53
C SER B 168 13.09 22.00 20.77
N GLY B 169 14.11 21.93 21.66
CA GLY B 169 15.12 22.96 21.83
C GLY B 169 15.51 23.67 20.52
N PRO B 170 16.25 23.01 19.59
CA PRO B 170 16.80 23.70 18.43
C PRO B 170 15.77 24.32 17.49
N THR B 171 14.62 23.65 17.30
CA THR B 171 13.67 23.99 16.26
C THR B 171 12.80 25.20 16.63
N ARG B 172 12.78 25.60 17.91
CA ARG B 172 11.84 26.60 18.38
C ARG B 172 12.01 27.93 17.62
N LYS B 173 13.19 28.55 17.62
CA LYS B 173 13.32 29.86 17.00
C LYS B 173 13.18 29.77 15.48
N PRO B 174 13.81 28.77 14.79
CA PRO B 174 13.61 28.58 13.35
C PRO B 174 12.14 28.42 12.98
N THR B 175 11.39 27.70 13.83
CA THR B 175 9.96 27.50 13.61
C THR B 175 9.22 28.85 13.74
N GLU B 176 9.40 29.57 14.86
CA GLU B 176 8.71 30.84 15.11
C GLU B 176 8.98 31.84 13.98
N GLU B 177 10.22 31.84 13.45
CA GLU B 177 10.63 32.72 12.35
C GLU B 177 10.02 32.31 11.01
N PHE B 178 9.89 30.99 10.78
CA PHE B 178 9.21 30.50 9.58
C PHE B 178 7.76 31.01 9.51
N PHE B 179 7.03 30.85 10.61
CA PHE B 179 5.64 31.30 10.71
C PHE B 179 5.51 32.81 10.54
N GLU B 180 6.44 33.53 11.17
CA GLU B 180 6.65 34.97 11.02
C GLU B 180 6.80 35.36 9.56
N GLN B 181 7.78 34.76 8.83
CA GLN B 181 8.02 35.12 7.43
C GLN B 181 6.75 34.90 6.57
N HIS B 182 5.96 33.86 6.88
CA HIS B 182 4.77 33.51 6.10
C HIS B 182 3.51 34.09 6.74
N LYS B 183 3.72 34.95 7.74
CA LYS B 183 2.67 35.72 8.39
C LYS B 183 1.56 34.83 8.93
N TYR B 184 1.93 33.62 9.40
CA TYR B 184 1.06 32.74 10.16
C TYR B 184 -0.02 32.12 9.28
N PHE B 185 0.18 32.21 7.94
CA PHE B 185 -0.51 31.40 6.95
C PHE B 185 -1.99 31.73 6.83
N GLY B 186 -2.45 32.91 7.25
CA GLY B 186 -3.86 33.20 7.31
C GLY B 186 -4.53 32.88 8.66
N LEU B 187 -3.82 32.28 9.62
CA LEU B 187 -4.38 32.05 10.95
C LEU B 187 -4.05 33.26 11.83
N ASN B 188 -4.83 33.44 12.91
CA ASN B 188 -4.50 34.44 13.91
C ASN B 188 -3.24 34.04 14.66
N LYS B 189 -2.30 34.97 14.76
CA LYS B 189 -1.09 34.74 15.53
C LYS B 189 -1.41 34.27 16.95
N SER B 190 -2.47 34.83 17.55
CA SER B 190 -2.90 34.39 18.87
C SER B 190 -3.35 32.92 18.86
N ASP B 191 -3.68 32.33 17.70
CA ASP B 191 -4.17 30.96 17.68
C ASP B 191 -3.10 29.94 17.22
N VAL B 192 -1.82 30.34 17.15
CA VAL B 192 -0.70 29.45 16.87
C VAL B 192 0.31 29.64 18.03
N ILE B 193 0.42 28.66 18.93
CA ILE B 193 1.28 28.76 20.10
C ILE B 193 2.44 27.78 19.95
N ILE B 194 3.63 28.30 19.67
CA ILE B 194 4.83 27.50 19.49
C ILE B 194 5.48 27.31 20.86
N PHE B 195 5.52 26.07 21.37
CA PHE B 195 6.11 25.73 22.67
C PHE B 195 7.10 24.57 22.50
N GLU B 196 7.77 24.21 23.59
CA GLU B 196 8.88 23.28 23.57
C GLU B 196 8.56 22.04 24.42
N GLN B 197 8.95 20.85 23.94
CA GLN B 197 8.97 19.72 24.86
C GLN B 197 10.36 19.63 25.48
N GLY B 198 10.42 18.89 26.61
CA GLY B 198 11.65 18.48 27.25
C GLY B 198 12.63 17.82 26.29
N VAL B 199 13.92 18.04 26.59
CA VAL B 199 15.01 17.20 26.09
C VAL B 199 15.71 16.60 27.30
N LEU B 200 16.33 15.44 27.07
CA LEU B 200 17.29 14.84 27.96
C LEU B 200 18.60 14.69 27.21
N PRO B 201 19.74 14.65 27.97
CA PRO B 201 21.02 14.19 27.43
C PRO B 201 20.92 12.72 27.08
N CYS B 202 21.54 12.34 25.96
CA CYS B 202 21.74 10.94 25.64
C CYS B 202 22.88 10.40 26.51
N ILE B 203 22.78 9.10 26.87
CA ILE B 203 23.66 8.50 27.86
C ILE B 203 24.38 7.31 27.20
N SER B 204 25.45 6.82 27.81
CA SER B 204 26.08 5.57 27.41
C SER B 204 25.31 4.42 28.06
N ASN B 205 25.79 3.19 27.82
CA ASN B 205 25.22 2.00 28.43
C ASN B 205 25.41 2.02 29.95
N GLU B 206 26.41 2.76 30.44
CA GLU B 206 26.67 2.85 31.86
C GLU B 206 26.00 4.08 32.45
N GLY B 207 25.30 4.84 31.61
CA GLY B 207 24.48 5.94 32.10
C GLY B 207 25.29 7.23 32.27
N LYS B 208 26.46 7.32 31.63
CA LYS B 208 27.24 8.54 31.65
C LYS B 208 26.78 9.42 30.48
N ILE B 209 26.67 10.73 30.74
CA ILE B 209 26.22 11.70 29.76
C ILE B 209 27.22 11.76 28.60
N LEU B 210 26.68 11.77 27.38
CA LEU B 210 27.49 11.69 26.17
C LEU B 210 27.65 13.12 25.69
N MET B 211 28.84 13.40 25.13
CA MET B 211 29.17 14.72 24.61
C MET B 211 29.21 14.63 23.09
N GLU B 212 28.55 15.59 22.43
CA GLU B 212 28.62 15.70 20.99
C GLU B 212 30.00 16.28 20.64
N SER B 213 30.25 17.51 21.13
CA SER B 213 31.57 18.15 21.05
C SER B 213 32.16 18.30 22.47
N LYS B 214 33.17 19.20 22.61
CA LYS B 214 33.89 19.42 23.87
C LYS B 214 33.17 20.44 24.75
N PHE B 215 32.26 21.22 24.12
CA PHE B 215 31.44 22.20 24.83
C PHE B 215 29.94 21.93 24.66
N LYS B 216 29.55 20.74 24.16
CA LYS B 216 28.14 20.45 23.91
C LYS B 216 27.79 19.00 24.21
N VAL B 217 26.77 18.83 25.05
CA VAL B 217 26.13 17.56 25.36
C VAL B 217 25.31 17.11 24.14
N ALA B 218 25.26 15.81 23.85
CA ALA B 218 24.28 15.25 22.92
C ALA B 218 22.95 15.10 23.63
N VAL B 219 21.94 15.76 23.06
CA VAL B 219 20.59 15.81 23.59
C VAL B 219 19.61 15.20 22.58
N ALA B 220 18.42 14.79 23.07
CA ALA B 220 17.33 14.31 22.23
C ALA B 220 16.00 14.63 22.91
N PRO B 221 14.91 14.84 22.15
CA PRO B 221 13.61 15.10 22.78
C PRO B 221 13.27 13.87 23.60
N ASP B 222 12.49 14.08 24.66
CA ASP B 222 12.16 13.08 25.67
C ASP B 222 10.99 12.19 25.20
N GLY B 223 10.87 12.01 23.88
CA GLY B 223 9.89 11.12 23.29
C GLY B 223 8.51 11.77 23.18
N ASN B 224 7.63 11.21 22.33
CA ASN B 224 6.32 11.84 22.13
C ASN B 224 5.45 11.75 23.39
N GLY B 225 5.71 10.77 24.30
CA GLY B 225 5.03 10.72 25.60
C GLY B 225 5.39 11.92 26.49
N GLY B 226 6.39 12.71 26.04
CA GLY B 226 6.80 13.94 26.70
C GLY B 226 5.73 15.03 26.64
N ILE B 227 4.78 14.87 25.72
CA ILE B 227 3.68 15.80 25.52
C ILE B 227 3.00 16.17 26.85
N TYR B 228 2.75 15.18 27.72
CA TYR B 228 1.84 15.36 28.85
C TYR B 228 2.42 16.31 29.89
N GLN B 229 3.72 16.13 30.16
CA GLN B 229 4.44 17.07 31.03
C GLN B 229 4.58 18.43 30.34
N ALA B 230 4.89 18.45 29.01
CA ALA B 230 5.16 19.70 28.31
C ALA B 230 3.93 20.60 28.32
N LEU B 231 2.73 20.01 28.35
CA LEU B 231 1.49 20.76 28.30
C LEU B 231 1.33 21.56 29.59
N LEU B 232 1.74 20.96 30.74
CA LEU B 232 1.67 21.65 32.04
C LEU B 232 2.75 22.73 32.14
N THR B 233 4.02 22.33 31.97
CA THR B 233 5.18 23.22 32.05
C THR B 233 5.00 24.47 31.18
N SER B 234 4.64 24.28 29.91
CA SER B 234 4.53 25.38 28.94
C SER B 234 3.40 26.33 29.28
N GLY B 235 2.43 25.94 30.11
CA GLY B 235 1.22 26.73 30.28
C GLY B 235 0.11 26.46 29.25
N VAL B 236 0.36 25.51 28.32
CA VAL B 236 -0.60 25.20 27.26
C VAL B 236 -1.90 24.68 27.87
N ARG B 237 -1.80 23.79 28.87
CA ARG B 237 -3.03 23.26 29.45
C ARG B 237 -3.89 24.38 30.03
N GLU B 238 -3.27 25.38 30.68
CA GLU B 238 -4.03 26.46 31.30
C GLU B 238 -4.68 27.38 30.24
N ASP B 239 -3.97 27.58 29.13
CA ASP B 239 -4.49 28.30 27.96
C ASP B 239 -5.76 27.63 27.44
N MET B 240 -5.63 26.32 27.16
CA MET B 240 -6.79 25.51 26.81
C MET B 240 -7.94 25.76 27.78
N ARG B 241 -7.66 25.70 29.10
CA ARG B 241 -8.71 25.87 30.09
C ARG B 241 -9.40 27.23 29.94
N LYS B 242 -8.65 28.31 29.73
CA LYS B 242 -9.22 29.66 29.60
C LYS B 242 -10.08 29.79 28.33
N ARG B 243 -9.68 29.08 27.25
CA ARG B 243 -10.39 29.10 25.98
C ARG B 243 -11.66 28.24 26.00
N GLY B 244 -11.83 27.34 26.99
CA GLY B 244 -12.97 26.43 27.00
C GLY B 244 -12.77 25.15 26.18
N ILE B 245 -11.53 24.77 25.86
CA ILE B 245 -11.28 23.59 25.02
C ILE B 245 -11.75 22.34 25.77
N GLU B 246 -12.47 21.45 25.04
CA GLU B 246 -12.93 20.20 25.61
C GLU B 246 -12.41 18.99 24.82
N HIS B 247 -11.84 19.20 23.63
CA HIS B 247 -11.42 18.12 22.74
C HIS B 247 -10.10 18.49 22.06
N ILE B 248 -9.14 17.56 22.06
CA ILE B 248 -7.81 17.83 21.57
C ILE B 248 -7.44 16.74 20.57
N HIS B 249 -7.06 17.16 19.37
CA HIS B 249 -6.43 16.27 18.40
C HIS B 249 -4.90 16.47 18.41
N THR B 250 -4.17 15.37 18.33
CA THR B 250 -2.72 15.27 18.46
C THR B 250 -2.19 14.53 17.24
N TYR B 251 -1.11 15.02 16.60
CA TYR B 251 -0.53 14.25 15.50
C TYR B 251 0.90 14.72 15.25
N CYS B 252 1.60 14.05 14.30
CA CYS B 252 2.97 14.32 13.90
CA CYS B 252 2.97 14.32 13.91
C CYS B 252 2.99 15.03 12.56
N VAL B 253 3.81 16.07 12.46
CA VAL B 253 3.89 16.99 11.33
C VAL B 253 4.27 16.26 10.03
N ASP B 254 4.87 15.07 10.15
CA ASP B 254 5.42 14.42 8.96
C ASP B 254 4.34 13.65 8.20
N ASN B 255 3.08 13.66 8.68
CA ASN B 255 1.98 13.04 7.95
C ASN B 255 1.38 14.10 7.03
N CYS B 256 1.74 13.99 5.75
CA CYS B 256 1.46 15.04 4.79
CA CYS B 256 1.47 15.01 4.77
C CYS B 256 -0.02 15.08 4.41
N LEU B 257 -0.78 14.00 4.71
CA LEU B 257 -2.22 13.94 4.43
C LEU B 257 -3.08 14.16 5.67
N VAL B 258 -2.52 14.53 6.83
CA VAL B 258 -3.31 14.59 8.05
C VAL B 258 -4.58 15.46 7.84
N LYS B 259 -5.73 14.86 8.22
CA LYS B 259 -6.97 15.61 8.40
C LYS B 259 -6.94 16.26 9.77
N VAL B 260 -6.45 17.51 9.78
CA VAL B 260 -6.25 18.29 10.99
C VAL B 260 -7.61 18.54 11.65
N ALA B 261 -7.73 18.20 12.94
CA ALA B 261 -8.94 18.36 13.73
C ALA B 261 -10.12 17.70 13.02
N ASP B 262 -9.86 16.54 12.39
CA ASP B 262 -10.84 15.76 11.64
C ASP B 262 -12.17 15.66 12.41
N PRO B 263 -13.27 16.23 11.87
CA PRO B 263 -14.55 16.24 12.60
C PRO B 263 -15.16 14.85 12.82
N VAL B 264 -14.82 13.88 11.98
CA VAL B 264 -15.33 12.52 12.13
C VAL B 264 -14.72 11.88 13.36
N PHE B 265 -13.41 12.00 13.50
CA PHE B 265 -12.68 11.55 14.67
C PHE B 265 -13.20 12.23 15.94
N ILE B 266 -13.35 13.56 15.91
CA ILE B 266 -13.70 14.29 17.12
C ILE B 266 -15.11 13.88 17.56
N GLY B 267 -16.02 13.89 16.59
CA GLY B 267 -17.41 13.55 16.81
C GLY B 267 -17.57 12.08 17.20
N PHE B 268 -16.76 11.20 16.58
CA PHE B 268 -16.79 9.80 16.98
C PHE B 268 -16.48 9.69 18.46
N ALA B 269 -15.33 10.24 18.85
CA ALA B 269 -14.80 10.03 20.19
C ALA B 269 -15.66 10.77 21.22
N ALA B 270 -16.15 11.97 20.85
CA ALA B 270 -17.00 12.74 21.73
C ALA B 270 -18.32 12.00 21.93
N SER B 271 -18.82 11.32 20.90
CA SER B 271 -20.06 10.60 21.03
C SER B 271 -19.91 9.50 22.09
N LYS B 272 -18.78 8.79 22.06
CA LYS B 272 -18.50 7.73 23.03
C LYS B 272 -18.05 8.29 24.39
N GLN B 273 -17.72 9.58 24.46
CA GLN B 273 -17.30 10.23 25.72
C GLN B 273 -16.05 9.59 26.31
N VAL B 274 -15.13 9.18 25.42
CA VAL B 274 -13.86 8.59 25.81
C VAL B 274 -12.90 9.67 26.32
N ASP B 275 -11.82 9.24 26.98
CA ASP B 275 -10.72 10.10 27.38
C ASP B 275 -9.59 10.08 26.35
N ILE B 276 -9.46 8.95 25.66
CA ILE B 276 -8.47 8.80 24.61
C ILE B 276 -9.13 8.02 23.49
N ALA B 277 -8.84 8.42 22.25
CA ALA B 277 -9.17 7.63 21.07
C ALA B 277 -8.00 7.74 20.12
N THR B 278 -7.92 6.79 19.19
CA THR B 278 -6.82 6.65 18.27
C THR B 278 -7.35 6.44 16.86
N LYS B 279 -6.55 6.83 15.86
CA LYS B 279 -6.77 6.52 14.46
C LYS B 279 -5.79 5.47 14.03
N VAL B 280 -6.25 4.55 13.15
CA VAL B 280 -5.41 3.49 12.59
C VAL B 280 -5.73 3.38 11.12
N VAL B 281 -4.85 2.72 10.36
CA VAL B 281 -5.12 2.36 8.96
C VAL B 281 -5.10 0.85 8.84
N ARG B 282 -5.64 0.32 7.74
CA ARG B 282 -5.74 -1.13 7.61
C ARG B 282 -4.40 -1.70 7.15
N LYS B 283 -3.81 -2.52 8.03
CA LYS B 283 -2.75 -3.42 7.66
C LYS B 283 -3.33 -4.47 6.70
N ARG B 284 -2.75 -4.58 5.50
CA ARG B 284 -3.30 -5.39 4.40
C ARG B 284 -2.63 -6.77 4.33
N ASN B 285 -1.28 -6.77 4.36
CA ASN B 285 -0.45 -7.96 4.17
C ASN B 285 0.17 -8.33 5.52
N ALA B 286 0.31 -9.64 5.77
CA ALA B 286 0.65 -10.16 7.08
C ALA B 286 2.05 -9.71 7.51
N THR B 287 2.90 -9.34 6.54
CA THR B 287 4.26 -8.95 6.82
C THR B 287 4.51 -7.46 6.55
N GLU B 288 3.52 -6.59 6.80
CA GLU B 288 3.82 -5.18 7.03
C GLU B 288 4.37 -5.04 8.45
N SER B 289 5.40 -4.19 8.61
CA SER B 289 6.04 -3.93 9.89
C SER B 289 5.52 -2.63 10.50
N VAL B 290 4.43 -2.76 11.26
CA VAL B 290 3.69 -1.65 11.81
C VAL B 290 3.26 -2.03 13.23
N GLY B 291 3.23 -1.05 14.11
CA GLY B 291 2.67 -1.25 15.43
C GLY B 291 1.17 -1.37 15.34
N LEU B 292 0.59 -2.20 16.21
CA LEU B 292 -0.83 -2.52 16.17
C LEU B 292 -1.47 -2.06 17.46
N ILE B 293 -2.67 -1.49 17.31
CA ILE B 293 -3.48 -1.12 18.45
C ILE B 293 -4.40 -2.32 18.66
N LEU B 294 -4.50 -2.73 19.93
CA LEU B 294 -5.17 -3.94 20.33
C LEU B 294 -5.33 -3.99 21.84
N GLN B 295 -5.96 -5.07 22.30
CA GLN B 295 -6.11 -5.39 23.71
C GLN B 295 -4.96 -6.32 24.11
N LYS B 296 -4.09 -5.85 25.00
CA LYS B 296 -2.96 -6.65 25.45
C LYS B 296 -3.15 -6.93 26.94
N ASN B 297 -3.41 -8.21 27.27
CA ASN B 297 -3.78 -8.59 28.63
C ASN B 297 -5.01 -7.80 29.06
N GLY B 298 -6.02 -7.76 28.20
CA GLY B 298 -7.32 -7.17 28.51
C GLY B 298 -7.31 -5.65 28.64
N LYS B 299 -6.31 -4.99 28.01
CA LYS B 299 -6.10 -3.55 28.17
C LYS B 299 -5.64 -2.91 26.86
N PRO B 300 -6.16 -1.71 26.52
CA PRO B 300 -5.87 -1.10 25.24
C PRO B 300 -4.40 -0.73 25.21
N ASP B 301 -3.72 -1.05 24.11
CA ASP B 301 -2.29 -0.95 24.09
C ASP B 301 -1.84 -0.92 22.64
N VAL B 302 -0.57 -0.58 22.45
CA VAL B 302 0.08 -0.70 21.15
C VAL B 302 1.19 -1.74 21.31
N VAL B 303 1.41 -2.51 20.25
CA VAL B 303 2.38 -3.59 20.30
C VAL B 303 3.11 -3.57 18.96
N GLU B 304 4.43 -3.66 19.05
CA GLU B 304 5.29 -3.58 17.88
C GLU B 304 5.19 -4.91 17.13
N TYR B 305 5.51 -4.86 15.84
CA TYR B 305 5.43 -6.00 14.93
C TYR B 305 6.33 -7.14 15.40
N SER B 306 7.37 -6.79 16.17
CA SER B 306 8.38 -7.74 16.61
C SER B 306 7.87 -8.58 17.78
N GLU B 307 6.89 -8.06 18.53
CA GLU B 307 6.32 -8.73 19.69
C GLU B 307 5.03 -9.47 19.32
N ILE B 308 4.76 -9.61 18.02
CA ILE B 308 3.62 -10.37 17.51
C ILE B 308 4.19 -11.51 16.66
N ASP B 309 3.67 -12.72 16.89
CA ASP B 309 4.15 -13.95 16.25
C ASP B 309 3.81 -13.96 14.76
N LYS B 310 4.52 -14.79 13.97
CA LYS B 310 4.18 -15.01 12.56
C LYS B 310 3.02 -16.00 12.46
N GLU B 311 2.42 -16.37 13.60
CA GLU B 311 1.16 -17.09 13.64
C GLU B 311 -0.01 -16.09 13.68
N THR B 312 -0.03 -15.23 14.72
CA THR B 312 -1.18 -14.39 15.02
C THR B 312 -1.18 -13.10 14.17
N ALA B 313 -0.04 -12.77 13.55
CA ALA B 313 0.04 -11.71 12.54
C ALA B 313 -0.74 -12.10 11.29
N GLU B 314 -0.48 -13.34 10.85
CA GLU B 314 -1.04 -13.90 9.64
C GLU B 314 -2.51 -14.31 9.83
N ALA B 315 -2.96 -14.48 11.10
CA ALA B 315 -4.35 -14.81 11.40
C ALA B 315 -5.30 -13.90 10.63
N LYS B 316 -6.25 -14.54 9.91
CA LYS B 316 -7.37 -13.87 9.24
C LYS B 316 -8.52 -13.75 10.24
N ASP B 317 -9.34 -12.69 10.08
CA ASP B 317 -10.42 -12.38 11.00
C ASP B 317 -11.47 -13.50 10.92
N PRO B 318 -11.82 -14.17 12.05
CA PRO B 318 -12.92 -15.14 12.02
C PRO B 318 -14.24 -14.58 11.47
N LYS B 319 -14.67 -13.40 11.96
CA LYS B 319 -16.00 -12.85 11.76
C LYS B 319 -16.05 -11.98 10.48
N GLN B 320 -15.11 -12.19 9.52
CA GLN B 320 -14.93 -11.37 8.32
C GLN B 320 -13.61 -11.76 7.66
N PRO B 321 -13.56 -12.82 6.82
CA PRO B 321 -12.30 -13.48 6.52
C PRO B 321 -11.36 -12.75 5.55
N ASP B 322 -11.80 -11.60 5.03
CA ASP B 322 -11.07 -10.92 3.96
C ASP B 322 -10.07 -9.90 4.54
N VAL B 323 -10.05 -9.71 5.87
CA VAL B 323 -9.10 -8.84 6.53
C VAL B 323 -8.32 -9.60 7.61
N LEU B 324 -7.11 -9.12 7.97
CA LEU B 324 -6.32 -9.65 9.06
C LEU B 324 -7.05 -9.44 10.38
N LYS B 325 -6.91 -10.42 11.28
CA LYS B 325 -7.50 -10.38 12.60
C LYS B 325 -6.99 -9.18 13.40
N PHE B 326 -5.67 -8.96 13.30
CA PHE B 326 -4.96 -7.80 13.85
C PHE B 326 -4.51 -6.92 12.70
N ARG B 327 -5.27 -5.84 12.44
CA ARG B 327 -5.03 -4.97 11.28
C ARG B 327 -5.02 -3.49 11.64
N ALA B 328 -5.08 -3.15 12.94
CA ALA B 328 -5.23 -1.78 13.42
C ALA B 328 -3.86 -1.12 13.54
N ALA B 329 -3.35 -0.65 12.39
CA ALA B 329 -2.02 -0.09 12.28
C ALA B 329 -1.99 1.35 12.81
N ASN B 330 -1.15 1.56 13.85
CA ASN B 330 -0.97 2.82 14.53
C ASN B 330 -0.41 3.89 13.59
N ILE B 331 -1.08 5.06 13.49
CA ILE B 331 -0.56 6.17 12.70
C ILE B 331 -0.33 7.39 13.59
N VAL B 332 -0.22 7.17 14.91
CA VAL B 332 0.23 8.16 15.90
C VAL B 332 -0.68 9.41 15.74
N ASN B 333 -1.99 9.18 15.91
CA ASN B 333 -2.98 10.20 15.65
C ASN B 333 -4.06 10.02 16.70
N HIS B 334 -4.15 10.97 17.62
CA HIS B 334 -4.85 10.71 18.87
C HIS B 334 -5.84 11.82 19.18
N TYR B 335 -6.86 11.41 19.97
CA TYR B 335 -7.81 12.31 20.58
C TYR B 335 -7.65 12.24 22.10
N TYR B 336 -7.83 13.39 22.75
CA TYR B 336 -8.00 13.42 24.20
C TYR B 336 -9.14 14.36 24.58
N SER B 337 -9.82 13.97 25.66
CA SER B 337 -10.74 14.89 26.31
C SER B 337 -9.89 15.88 27.10
N PHE B 338 -10.39 17.07 27.37
CA PHE B 338 -9.66 17.97 28.27
C PHE B 338 -9.66 17.44 29.72
N LYS B 339 -10.76 16.83 30.21
CA LYS B 339 -10.77 16.13 31.49
C LYS B 339 -9.51 15.27 31.65
N PHE B 340 -9.13 14.56 30.58
CA PHE B 340 -8.01 13.64 30.67
C PHE B 340 -6.73 14.41 30.91
N PHE B 341 -6.60 15.55 30.23
CA PHE B 341 -5.45 16.43 30.38
C PHE B 341 -5.38 17.01 31.80
N GLU B 342 -6.52 17.12 32.48
CA GLU B 342 -6.50 17.69 33.81
C GLU B 342 -6.08 16.68 34.88
N SER B 343 -5.87 15.41 34.52
CA SER B 343 -5.46 14.35 35.43
C SER B 343 -3.96 14.10 35.35
N ILE B 344 -3.23 14.89 34.53
CA ILE B 344 -1.88 14.52 34.14
C ILE B 344 -0.95 14.43 35.36
N GLU B 345 -1.14 15.34 36.34
CA GLU B 345 -0.31 15.35 37.55
C GLU B 345 -0.36 13.99 38.25
N LEU B 346 -1.55 13.36 38.26
CA LEU B 346 -1.80 12.13 38.99
C LEU B 346 -0.97 10.96 38.47
N TRP B 347 -0.55 10.98 37.20
CA TRP B 347 0.07 9.78 36.63
C TRP B 347 1.33 10.10 35.81
N ALA B 348 1.73 11.38 35.72
CA ALA B 348 2.74 11.76 34.73
C ALA B 348 4.06 11.11 35.06
N HIS B 349 4.31 10.97 36.37
CA HIS B 349 5.51 10.33 36.88
C HIS B 349 5.53 8.84 36.50
N LYS B 350 4.36 8.18 36.48
CA LYS B 350 4.26 6.74 36.18
C LYS B 350 4.63 6.40 34.73
N LEU B 351 4.96 7.40 33.90
CA LEU B 351 5.32 7.14 32.52
C LEU B 351 6.82 6.88 32.47
N PRO B 352 7.27 5.63 32.21
CA PRO B 352 8.68 5.34 32.21
C PRO B 352 9.38 5.90 30.97
N HIS B 353 10.66 6.20 31.15
CA HIS B 353 11.57 6.41 30.02
C HIS B 353 12.13 5.08 29.57
N HIS B 354 11.79 4.70 28.35
CA HIS B 354 12.38 3.56 27.66
C HIS B 354 13.68 3.98 27.00
N VAL B 355 14.47 2.97 26.64
CA VAL B 355 15.79 3.21 26.09
C VAL B 355 15.76 2.91 24.58
N ALA B 356 15.97 3.93 23.75
CA ALA B 356 16.23 3.70 22.34
C ALA B 356 17.73 3.76 22.10
N ARG B 357 18.29 2.64 21.65
CA ARG B 357 19.71 2.56 21.36
C ARG B 357 20.02 3.16 19.99
N LYS B 358 19.58 4.39 19.72
CA LYS B 358 20.06 5.09 18.54
C LYS B 358 21.59 5.17 18.65
N LYS B 359 22.32 4.88 17.57
CA LYS B 359 23.78 4.86 17.57
C LYS B 359 24.30 6.29 17.35
N ILE B 360 24.84 6.93 18.41
CA ILE B 360 24.95 8.40 18.58
C ILE B 360 26.37 8.92 18.44
N PRO B 361 26.69 9.81 17.47
CA PRO B 361 28.05 10.31 17.28
C PRO B 361 28.45 11.33 18.35
N CYS B 362 29.62 11.10 18.96
CA CYS B 362 29.98 11.80 20.19
C CYS B 362 31.50 11.79 20.43
N ILE B 363 31.91 12.54 21.46
CA ILE B 363 33.32 12.75 21.76
C ILE B 363 33.51 12.79 23.27
N ASN B 377 25.65 1.90 20.65
CA ASN B 377 26.50 3.05 21.04
C ASN B 377 25.91 3.77 22.27
N GLY B 378 24.88 4.59 22.04
CA GLY B 378 24.27 5.42 23.08
C GLY B 378 22.78 5.17 23.25
N ILE B 379 22.18 5.91 24.17
CA ILE B 379 20.79 5.72 24.54
C ILE B 379 20.08 7.08 24.52
N LYS B 380 18.93 7.16 23.81
CA LYS B 380 17.90 8.17 24.02
C LYS B 380 16.88 7.58 25.01
N LEU B 381 16.56 8.35 26.05
CA LEU B 381 15.52 8.06 27.02
C LEU B 381 14.22 8.74 26.56
N GLU B 382 13.21 7.95 26.16
CA GLU B 382 11.97 8.44 25.55
C GLU B 382 10.75 7.90 26.29
N GLN B 383 9.81 8.79 26.63
CA GLN B 383 8.49 8.37 27.08
C GLN B 383 7.63 8.14 25.84
N PHE B 384 6.65 7.22 25.94
CA PHE B 384 5.84 6.81 24.79
C PHE B 384 4.40 7.24 25.03
N VAL B 385 3.79 7.84 24.01
CA VAL B 385 2.52 8.52 24.19
C VAL B 385 1.42 7.49 24.48
N PHE B 386 1.66 6.23 24.06
CA PHE B 386 0.67 5.15 24.15
C PHE B 386 0.83 4.33 25.43
N ASP B 387 1.79 4.72 26.29
CA ASP B 387 2.03 3.99 27.54
C ASP B 387 0.90 4.25 28.52
N VAL B 388 0.07 5.27 28.23
CA VAL B 388 -1.02 5.59 29.12
C VAL B 388 -2.29 4.84 28.71
N PHE B 389 -2.29 4.23 27.51
CA PHE B 389 -3.42 3.49 27.00
C PHE B 389 -3.84 2.39 27.99
N PRO B 390 -2.98 1.41 28.40
CA PRO B 390 -3.42 0.35 29.32
C PRO B 390 -3.85 0.80 30.71
N MET B 391 -3.37 1.99 31.13
CA MET B 391 -3.83 2.70 32.31
C MET B 391 -5.28 3.18 32.13
N THR B 392 -5.81 3.04 30.91
CA THR B 392 -7.10 3.63 30.56
C THR B 392 -8.14 2.54 30.51
N PRO B 393 -9.29 2.70 31.22
CA PRO B 393 -10.36 1.70 31.13
C PRO B 393 -10.89 1.64 29.69
N LEU B 394 -11.23 0.43 29.24
CA LEU B 394 -11.59 0.14 27.86
C LEU B 394 -12.85 0.90 27.43
N GLU B 395 -13.71 1.24 28.39
CA GLU B 395 -14.88 2.05 28.11
C GLU B 395 -14.50 3.53 27.93
N LYS B 396 -13.24 3.90 28.21
CA LYS B 396 -12.79 5.28 28.06
C LYS B 396 -11.77 5.39 26.91
N PHE B 397 -11.82 4.40 26.01
CA PHE B 397 -10.90 4.27 24.90
C PHE B 397 -11.64 3.89 23.63
N ALA B 398 -11.27 4.51 22.49
CA ALA B 398 -11.85 4.16 21.20
C ALA B 398 -10.78 4.21 20.11
N CYS B 399 -11.11 3.58 18.98
CA CYS B 399 -10.21 3.41 17.85
C CYS B 399 -11.00 3.45 16.54
N ILE B 400 -10.60 4.34 15.60
CA ILE B 400 -11.29 4.46 14.32
C ILE B 400 -10.31 4.14 13.20
N GLU B 401 -10.75 3.24 12.32
CA GLU B 401 -10.00 2.88 11.13
C GLU B 401 -10.37 3.88 10.03
N VAL B 402 -9.32 4.40 9.36
CA VAL B 402 -9.50 5.41 8.32
C VAL B 402 -8.80 4.94 7.04
N ARG B 403 -8.98 5.72 5.96
CA ARG B 403 -8.46 5.35 4.66
C ARG B 403 -7.06 5.92 4.50
N ARG B 404 -6.08 5.02 4.46
CA ARG B 404 -4.70 5.43 4.35
C ARG B 404 -4.54 6.45 3.22
N GLU B 405 -5.14 6.22 2.04
CA GLU B 405 -4.87 7.05 0.87
C GLU B 405 -5.44 8.46 1.03
N ASP B 406 -6.33 8.64 2.03
CA ASP B 406 -6.87 9.95 2.38
C ASP B 406 -6.26 10.56 3.64
N GLU B 407 -5.51 9.81 4.47
CA GLU B 407 -5.28 10.24 5.83
C GLU B 407 -3.82 10.08 6.31
N PHE B 408 -2.97 9.34 5.58
CA PHE B 408 -1.67 8.92 6.09
C PHE B 408 -0.64 8.79 4.96
N SER B 409 0.25 9.77 4.90
CA SER B 409 1.33 9.74 3.95
C SER B 409 2.56 10.28 4.67
N PRO B 410 3.28 9.43 5.46
CA PRO B 410 4.37 9.93 6.29
C PRO B 410 5.63 10.23 5.44
N LEU B 411 6.30 11.31 5.81
CA LEU B 411 7.61 11.61 5.27
C LEU B 411 8.66 11.21 6.32
N LYS B 412 9.32 10.05 6.14
CA LYS B 412 10.42 9.60 7.00
C LYS B 412 11.80 9.69 6.34
N ASN B 413 11.88 9.44 5.03
CA ASN B 413 13.14 9.15 4.36
C ASN B 413 13.37 10.17 3.26
N ALA B 414 14.63 10.28 2.79
CA ALA B 414 15.00 11.24 1.75
C ALA B 414 14.61 10.69 0.38
N ARG B 415 14.48 11.59 -0.62
CA ARG B 415 14.13 11.27 -2.00
C ARG B 415 14.94 10.07 -2.49
N GLY B 416 14.34 9.27 -3.37
CA GLY B 416 14.97 8.09 -3.92
C GLY B 416 15.18 6.98 -2.89
N THR B 417 14.41 6.98 -1.79
CA THR B 417 14.31 5.84 -0.89
C THR B 417 13.24 4.88 -1.43
N GLY B 418 12.21 5.45 -2.06
CA GLY B 418 11.13 4.70 -2.66
C GLY B 418 9.97 4.38 -1.70
N GLU B 419 10.14 4.62 -0.39
CA GLU B 419 9.12 4.37 0.62
C GLU B 419 9.10 5.62 1.52
N ASP B 420 7.92 6.16 1.82
CA ASP B 420 7.79 7.19 2.85
C ASP B 420 8.73 8.38 2.61
N ASP B 421 8.75 8.87 1.37
CA ASP B 421 9.77 9.82 0.96
C ASP B 421 9.04 11.01 0.36
N PRO B 422 9.73 12.13 0.04
CA PRO B 422 9.08 13.26 -0.62
C PRO B 422 8.23 12.89 -1.83
N ASP B 423 8.59 11.80 -2.53
CA ASP B 423 7.88 11.42 -3.77
C ASP B 423 6.63 10.60 -3.48
N THR B 424 6.65 9.71 -2.48
CA THR B 424 5.40 9.06 -2.09
C THR B 424 4.40 10.08 -1.53
N SER B 425 4.90 11.06 -0.77
CA SER B 425 4.07 12.09 -0.18
C SER B 425 3.39 12.94 -1.24
N LYS B 426 4.13 13.28 -2.31
CA LYS B 426 3.67 14.18 -3.34
C LYS B 426 2.58 13.52 -4.18
N ARG B 427 2.87 12.25 -4.48
CA ARG B 427 2.01 11.41 -5.25
C ARG B 427 0.74 11.12 -4.45
N ASP B 428 0.84 10.99 -3.12
CA ASP B 428 -0.35 10.71 -2.30
C ASP B 428 -1.28 11.92 -2.34
N ILE B 429 -0.72 13.11 -2.20
CA ILE B 429 -1.52 14.32 -2.22
C ILE B 429 -2.12 14.57 -3.61
N MET B 430 -1.32 14.35 -4.67
CA MET B 430 -1.75 14.69 -6.02
C MET B 430 -2.68 13.63 -6.60
N SER B 431 -2.52 12.35 -6.20
CA SER B 431 -3.53 11.32 -6.43
C SER B 431 -4.85 11.70 -5.78
N GLN B 432 -4.82 12.03 -4.48
CA GLN B 432 -6.03 12.43 -3.76
C GLN B 432 -6.72 13.60 -4.44
N GLY B 433 -5.97 14.64 -4.83
CA GLY B 433 -6.60 15.76 -5.50
C GLY B 433 -7.32 15.36 -6.81
N GLN B 434 -6.65 14.55 -7.64
CA GLN B 434 -7.20 14.04 -8.87
C GLN B 434 -8.49 13.27 -8.59
N ARG B 435 -8.42 12.27 -7.69
CA ARG B 435 -9.60 11.53 -7.25
C ARG B 435 -10.75 12.49 -6.96
N TRP B 436 -10.48 13.51 -6.13
CA TRP B 436 -11.54 14.39 -5.67
C TRP B 436 -12.24 15.09 -6.84
N ILE B 437 -11.42 15.56 -7.76
CA ILE B 437 -11.91 16.31 -8.91
C ILE B 437 -12.80 15.42 -9.77
N GLU B 438 -12.33 14.19 -10.03
CA GLU B 438 -13.03 13.23 -10.87
C GLU B 438 -14.36 12.78 -10.26
N LYS B 439 -14.38 12.52 -8.95
CA LYS B 439 -15.64 12.26 -8.29
C LYS B 439 -16.54 13.48 -8.34
N ALA B 440 -16.01 14.71 -8.53
CA ALA B 440 -16.89 15.89 -8.57
C ALA B 440 -17.44 16.14 -9.99
N GLY B 441 -16.97 15.34 -10.97
CA GLY B 441 -17.39 15.43 -12.36
C GLY B 441 -16.34 16.08 -13.25
N GLY B 442 -15.22 16.50 -12.67
CA GLY B 442 -14.14 17.03 -13.47
C GLY B 442 -13.42 15.93 -14.25
N ILE B 443 -12.66 16.36 -15.26
CA ILE B 443 -11.98 15.50 -16.21
C ILE B 443 -10.49 15.84 -16.21
N VAL B 444 -9.69 14.91 -15.70
CA VAL B 444 -8.26 15.11 -15.62
C VAL B 444 -7.60 14.30 -16.74
N ILE B 445 -6.79 15.00 -17.55
CA ILE B 445 -6.06 14.39 -18.64
C ILE B 445 -4.59 14.36 -18.26
N THR B 446 -3.92 13.21 -18.46
CA THR B 446 -2.50 13.07 -18.13
C THR B 446 -1.71 12.86 -19.42
N GLU B 447 -1.78 13.83 -20.35
CA GLU B 447 -1.15 13.76 -21.66
C GLU B 447 0.15 14.57 -21.65
N VAL B 451 1.82 13.26 -12.70
CA VAL B 451 0.52 12.56 -12.43
C VAL B 451 -0.17 13.19 -11.22
N GLY B 452 -1.37 13.75 -11.46
CA GLY B 452 -2.30 14.15 -10.42
C GLY B 452 -2.51 15.65 -10.35
N VAL B 453 -3.32 16.08 -9.37
CA VAL B 453 -3.64 17.48 -9.20
C VAL B 453 -3.53 17.85 -7.72
N GLU B 454 -2.78 18.93 -7.43
CA GLU B 454 -2.72 19.50 -6.10
C GLU B 454 -3.92 20.43 -5.92
N VAL B 455 -4.86 20.06 -5.05
CA VAL B 455 -5.96 20.93 -4.67
C VAL B 455 -5.56 21.62 -3.35
N SER B 456 -5.52 22.97 -3.35
CA SER B 456 -5.23 23.73 -2.15
C SER B 456 -6.23 23.34 -1.06
N PRO B 457 -5.85 23.21 0.23
CA PRO B 457 -6.85 22.98 1.29
C PRO B 457 -7.85 24.12 1.39
N LEU B 458 -7.45 25.32 0.91
CA LEU B 458 -8.32 26.48 0.95
C LEU B 458 -9.48 26.34 -0.05
N ILE B 459 -9.27 25.54 -1.10
CA ILE B 459 -10.35 25.12 -1.99
C ILE B 459 -11.14 23.97 -1.36
N SER B 460 -10.43 22.92 -0.90
CA SER B 460 -11.08 21.69 -0.46
C SER B 460 -10.32 21.07 0.71
N TYR B 461 -11.01 20.94 1.85
CA TYR B 461 -10.46 20.31 3.03
C TYR B 461 -10.37 18.80 2.84
N GLY B 462 -11.49 18.20 2.44
CA GLY B 462 -11.61 16.75 2.37
C GLY B 462 -12.41 16.30 1.16
N GLY B 463 -12.47 17.13 0.10
CA GLY B 463 -13.10 16.72 -1.14
C GLY B 463 -14.42 17.44 -1.39
N GLU B 464 -14.87 18.28 -0.44
CA GLU B 464 -16.04 19.10 -0.67
C GLU B 464 -15.69 20.28 -1.58
N GLY B 465 -16.75 20.92 -2.11
CA GLY B 465 -16.66 22.23 -2.74
C GLY B 465 -15.95 22.22 -4.09
N LEU B 466 -15.97 21.11 -4.86
CA LEU B 466 -15.31 21.10 -6.17
C LEU B 466 -16.29 21.00 -7.35
N GLU B 467 -17.60 21.20 -7.06
CA GLU B 467 -18.65 21.07 -8.06
C GLU B 467 -18.44 22.09 -9.17
N PHE B 468 -17.76 23.20 -8.87
CA PHE B 468 -17.44 24.19 -9.89
C PHE B 468 -16.50 23.63 -10.97
N LEU B 469 -15.97 22.41 -10.78
CA LEU B 469 -15.05 21.82 -11.74
C LEU B 469 -15.79 20.84 -12.65
N LYS B 470 -17.08 20.62 -12.34
CA LYS B 470 -17.91 19.65 -13.05
C LYS B 470 -17.90 19.94 -14.55
N GLY B 471 -17.41 18.97 -15.34
CA GLY B 471 -17.44 19.06 -16.79
C GLY B 471 -16.20 19.70 -17.37
N ARG B 472 -15.28 20.20 -16.52
CA ARG B 472 -14.11 20.94 -16.99
C ARG B 472 -12.93 19.98 -17.13
N GLU B 473 -12.01 20.35 -18.02
CA GLU B 473 -10.84 19.55 -18.34
C GLU B 473 -9.61 20.15 -17.68
N ILE B 474 -8.84 19.35 -16.92
CA ILE B 474 -7.64 19.81 -16.26
C ILE B 474 -6.48 18.98 -16.80
N LYS B 475 -5.38 19.61 -17.23
CA LYS B 475 -4.23 18.87 -17.74
C LYS B 475 -3.20 18.74 -16.62
N ALA B 476 -2.95 17.50 -16.17
CA ALA B 476 -2.06 17.20 -15.05
C ALA B 476 -0.62 17.17 -15.53
N PRO B 477 0.39 17.57 -14.71
CA PRO B 477 0.17 18.00 -13.32
C PRO B 477 -0.49 19.37 -13.22
N ALA B 478 -1.32 19.59 -12.20
CA ALA B 478 -1.99 20.87 -12.01
C ALA B 478 -2.02 21.26 -10.52
N PHE B 479 -2.40 22.52 -10.29
CA PHE B 479 -2.53 23.14 -8.97
C PHE B 479 -3.78 24.02 -8.95
N ILE B 480 -4.75 23.67 -8.09
CA ILE B 480 -5.98 24.44 -7.93
C ILE B 480 -5.88 25.24 -6.62
N GLU B 481 -5.82 26.59 -6.72
CA GLU B 481 -5.71 27.50 -5.58
C GLU B 481 -6.91 28.43 -5.54
N LYS B 482 -7.20 29.07 -4.39
CA LYS B 482 -8.28 30.05 -4.32
C LYS B 482 -8.11 31.15 -5.37
C1 GN1 C . 2.44 -13.24 -20.76
OP1 GN1 C . 3.53 -11.19 -19.04
P GN1 C . 4.49 -11.63 -20.10
OP2 GN1 C . 5.73 -12.17 -19.48
OP3 GN1 C . 4.77 -10.63 -21.17
C2 GN1 C . 2.39 -14.75 -20.99
C3 GN1 C . 2.77 -15.08 -22.44
C4 GN1 C . 1.79 -14.36 -23.34
C5 GN1 C . 1.77 -12.86 -23.06
C6 GN1 C . 0.64 -12.15 -23.77
C8 GN1 C . 3.69 -16.78 -18.09
O1 GN1 C . 3.76 -12.79 -20.97
O3 GN1 C . 2.75 -16.50 -22.62
O4 GN1 C . 2.10 -14.60 -24.72
O5 GN1 C . 1.59 -12.55 -21.64
N2 GN1 C . 3.19 -15.49 -20.05
C7 GN1 C . 2.71 -16.03 -18.92
O6 GN1 C . 0.79 -10.73 -23.72
O7 GN1 C . 1.54 -15.92 -18.59
CAA A1IHU D . -3.96 -24.06 -38.45
NAB A1IHU D . -3.43 -23.07 -37.32
NAF A1IHU D . -2.21 -23.05 -36.75
CAE A1IHU D . -2.12 -22.07 -35.83
CAD A1IHU D . -3.27 -21.47 -35.83
BRAG A1IHU D . -3.81 -20.02 -34.76
CAC A1IHU D . -4.06 -22.03 -36.71
NAH A1IHU D . -5.29 -21.65 -36.93
CAA A1IHU E . -2.81 -25.61 -34.84
NAB A1IHU E . -3.53 -24.85 -33.69
NAF A1IHU E . -3.08 -24.59 -32.40
CAE A1IHU E . -4.02 -23.92 -31.72
CAD A1IHU E . -5.04 -23.77 -32.56
BRAG A1IHU E . -6.74 -22.95 -32.24
CAC A1IHU E . -4.75 -24.31 -33.73
NAH A1IHU E . -5.54 -24.36 -34.80
CAA A1IHU F . -8.30 -35.29 -10.71
NAB A1IHU F . -6.97 -34.99 -11.21
NAF A1IHU F . -5.96 -35.58 -10.65
CAE A1IHU F . -4.76 -35.20 -11.16
CAD A1IHU F . -5.01 -34.32 -12.11
BRAG A1IHU F . -3.63 -33.43 -13.23
CAC A1IHU F . -6.35 -34.17 -12.15
NAH A1IHU F . -6.90 -33.28 -12.99
C02 A1IIR G . 9.47 -13.84 -19.41
C01 A1IIR G . 8.03 -13.73 -19.76
N06 A1IIR G . 7.13 -14.54 -18.85
C05 A1IIR G . 7.12 -14.10 -17.41
C04 A1IIR G . 8.46 -13.48 -16.95
N03 A1IIR G . 9.57 -14.00 -17.90
C07 A1IIR G . 10.65 -14.73 -17.48
O13 A1IIR G . 11.45 -15.16 -18.31
C08 A1IIR G . 10.89 -14.98 -16.18
O12 A1IIR G . 10.83 -14.00 -15.12
C11 A1IIR G . 11.21 -14.77 -13.92
C10 A1IIR G . 11.45 -16.03 -14.32
C09 A1IIR G . 11.27 -16.16 -15.66
CL CL H . -5.91 -32.26 -15.96
#